data_7KRU
#
_entry.id   7KRU
#
_cell.length_a   98.516
_cell.length_b   98.516
_cell.length_c   384.750
_cell.angle_alpha   90.000
_cell.angle_beta   90.000
_cell.angle_gamma   120.000
#
_symmetry.space_group_name_H-M   'P 65 2 2'
#
loop_
_entity.id
_entity.type
_entity.pdbx_description
1 polymer 'Chaperone protein DnaK fused with substrate peptide'
2 non-polymer 'SULFATE ION'
3 non-polymer 1,3-PROPANDIOL
4 non-polymer 'MAGNESIUM ION'
5 non-polymer "ADENOSINE-5'-TRIPHOSPHATE"
6 non-polymer GLYCEROL
7 water water
#
_entity_poly.entity_id   1
_entity_poly.type   'polypeptide(L)'
_entity_poly.pdbx_seq_one_letter_code
;MGKIIGIDLGTTNSCVAIMDGTTPRVLENAEGDRTTPSIIAYTQDGETLVGQPAKRQAVTNPQNTLFAIKRLIGRRFQDE
EVQRDVSIMPFKIIAADNGDAWVEVKGQKMAPPQISAEVLKKMKKTAEDYLGEPVTEAVITVPAYFNDAQRQATKDAGRI
AGLEVKRIINEPTAAALAYGLDKGTGNRTIAVYDLGGGAFDISIIEIDEVDGEKTFEVLATNGDTHLGGEDFDSRLINYL
VEEFKKDQGIDLRNDPLAMQRLKEAAEKAKIELSSAQQTDVNLPYITADATGPKHMNIKVTRAKLESLVEDLVNRSIEPL
KVALQDAGLSVSDIDDVILVGGQTRMPMVQKKVAEFFGKEPRKDVNPDEAVAIGAAVQGGVLTGDVKDVLLLDVTPLSLG
IETMGGVMTTLIAKNTTIPTKHSQVFSTAEDNQSAVTIHVLQGERKRAADNKSLGQFNLDGINPAPRGMPQIEVTFDIDA
DGILHVSAKDKNSGKEQKITIKASSGLNEDEIQKMVRDAEANAEADRKFEELVQTRNQGDTTGSGNRLLLTG
;
_entity_poly.pdbx_strand_id   B,A
#
# COMPACT_ATOMS: atom_id res chain seq x y z
N GLY A 2 -18.05 4.45 18.21
CA GLY A 2 -18.77 3.71 17.19
C GLY A 2 -17.95 2.59 16.56
N LYS A 3 -17.12 2.96 15.59
CA LYS A 3 -16.31 2.00 14.86
C LYS A 3 -15.10 1.56 15.69
N ILE A 4 -14.63 0.35 15.40
CA ILE A 4 -13.52 -0.24 16.11
C ILE A 4 -12.39 -0.45 15.12
N ILE A 5 -11.26 0.21 15.37
CA ILE A 5 -10.12 0.12 14.46
C ILE A 5 -9.26 -1.06 14.88
N GLY A 6 -8.59 -1.65 13.90
CA GLY A 6 -7.63 -2.72 14.13
C GLY A 6 -6.22 -2.20 13.94
N ILE A 7 -5.35 -2.49 14.93
CA ILE A 7 -3.98 -1.99 14.95
C ILE A 7 -3.02 -3.14 15.11
N ASP A 8 -2.10 -3.26 14.15
CA ASP A 8 -0.92 -4.12 14.25
C ASP A 8 0.21 -3.25 14.80
N LEU A 9 0.58 -3.48 16.06
CA LEU A 9 1.67 -2.76 16.71
C LEU A 9 2.93 -3.61 16.55
N GLY A 10 3.73 -3.32 15.53
CA GLY A 10 4.84 -4.18 15.18
C GLY A 10 6.18 -3.75 15.77
N THR A 11 7.10 -4.71 15.85
CA THR A 11 8.46 -4.40 16.28
C THR A 11 9.06 -3.32 15.39
N THR A 12 8.84 -3.44 14.07
CA THR A 12 9.44 -2.58 13.08
C THR A 12 8.43 -1.58 12.52
N ASN A 13 7.25 -2.06 12.18
CA ASN A 13 6.25 -1.24 11.51
C ASN A 13 4.88 -1.47 12.12
N SER A 14 4.06 -0.43 12.13
CA SER A 14 2.69 -0.54 12.56
C SER A 14 1.74 -0.17 11.42
N CYS A 15 0.49 -0.65 11.54
CA CYS A 15 -0.51 -0.58 10.48
C CYS A 15 -1.89 -0.52 11.13
N VAL A 16 -2.79 0.30 10.56
CA VAL A 16 -4.14 0.43 11.11
C VAL A 16 -5.16 0.23 9.99
N ALA A 17 -6.25 -0.47 10.30
CA ALA A 17 -7.27 -0.79 9.34
C ALA A 17 -8.64 -0.68 9.98
N ILE A 18 -9.67 -0.67 9.13
CA ILE A 18 -11.04 -0.55 9.60
C ILE A 18 -11.96 -1.28 8.63
N MET A 19 -13.10 -1.75 9.15
CA MET A 19 -14.14 -2.32 8.29
C MET A 19 -14.93 -1.19 7.65
N ASP A 20 -15.01 -1.21 6.33
CA ASP A 20 -15.88 -0.32 5.55
C ASP A 20 -17.01 -1.20 5.02
N GLY A 21 -18.02 -1.40 5.86
CA GLY A 21 -19.05 -2.36 5.53
C GLY A 21 -18.47 -3.75 5.49
N THR A 22 -18.49 -4.38 4.31
CA THR A 22 -18.04 -5.76 4.18
C THR A 22 -16.54 -5.86 3.98
N THR A 23 -15.89 -4.80 3.51
CA THR A 23 -14.50 -4.92 3.16
C THR A 23 -13.62 -4.11 4.11
N PRO A 24 -12.52 -4.67 4.58
CA PRO A 24 -11.60 -3.87 5.39
C PRO A 24 -10.78 -2.93 4.52
N ARG A 25 -10.37 -1.82 5.13
CA ARG A 25 -9.59 -0.79 4.44
C ARG A 25 -8.37 -0.50 5.30
N VAL A 26 -7.19 -0.67 4.73
CA VAL A 26 -5.96 -0.21 5.36
C VAL A 26 -5.82 1.29 5.09
N LEU A 27 -5.57 2.06 6.15
CA LEU A 27 -5.60 3.51 6.09
C LEU A 27 -4.19 4.09 5.94
N GLU A 28 -4.07 5.12 5.08
CA GLU A 28 -2.79 5.79 4.86
C GLU A 28 -2.63 6.94 5.84
N ASN A 29 -1.41 7.09 6.37
CA ASN A 29 -1.08 8.25 7.18
C ASN A 29 -0.86 9.46 6.26
N ALA A 30 -0.50 10.60 6.85
CA ALA A 30 -0.45 11.85 6.11
C ALA A 30 0.61 11.84 5.01
N GLU A 31 1.66 11.04 5.15
CA GLU A 31 2.64 10.97 4.09
C GLU A 31 2.16 10.11 2.92
N GLY A 32 1.06 9.39 3.10
CA GLY A 32 0.56 8.48 2.09
C GLY A 32 0.93 7.03 2.31
N ASP A 33 1.47 6.69 3.47
CA ASP A 33 2.01 5.35 3.70
C ASP A 33 1.04 4.50 4.50
N ARG A 34 0.88 3.25 4.06
CA ARG A 34 0.00 2.29 4.69
C ARG A 34 0.62 1.63 5.90
N THR A 35 1.92 1.79 6.10
CA THR A 35 2.56 1.39 7.34
C THR A 35 3.38 2.56 7.87
N THR A 36 3.61 2.53 9.18
CA THR A 36 4.32 3.57 9.89
C THR A 36 5.44 2.93 10.71
N PRO A 37 6.68 3.38 10.55
CA PRO A 37 7.75 2.81 11.38
C PRO A 37 7.47 3.00 12.86
N SER A 38 7.72 1.94 13.62
CA SER A 38 7.51 1.96 15.07
C SER A 38 8.73 2.61 15.72
N ILE A 39 8.91 3.89 15.41
CA ILE A 39 10.09 4.63 15.83
C ILE A 39 9.64 5.95 16.45
N ILE A 40 10.24 6.31 17.58
CA ILE A 40 9.86 7.48 18.35
C ILE A 40 11.13 8.25 18.68
N ALA A 41 11.11 9.56 18.43
CA ALA A 41 12.31 10.36 18.63
C ALA A 41 11.98 11.60 19.46
N TYR A 42 12.90 11.95 20.34
CA TYR A 42 12.76 13.12 21.20
C TYR A 42 13.85 14.09 20.76
N THR A 43 13.43 15.22 20.20
CA THR A 43 14.35 16.10 19.51
C THR A 43 14.94 17.15 20.45
N GLN A 44 16.04 17.73 19.99
CA GLN A 44 16.75 18.73 20.77
C GLN A 44 15.85 19.91 21.12
N ASP A 45 14.85 20.20 20.28
CA ASP A 45 13.97 21.35 20.49
C ASP A 45 12.72 21.01 21.30
N GLY A 46 12.64 19.79 21.85
CA GLY A 46 11.63 19.46 22.84
C GLY A 46 10.36 18.80 22.33
N GLU A 47 10.22 18.58 21.03
CA GLU A 47 9.06 17.87 20.50
C GLU A 47 9.37 16.41 20.21
N THR A 48 8.31 15.62 20.11
CA THR A 48 8.39 14.18 19.91
C THR A 48 7.97 13.79 18.49
N LEU A 49 8.88 13.14 17.77
CA LEU A 49 8.59 12.65 16.42
C LEU A 49 8.21 11.17 16.47
N VAL A 50 7.34 10.76 15.56
CA VAL A 50 6.87 9.38 15.48
C VAL A 50 6.79 8.96 14.01
N GLY A 51 7.34 7.79 13.70
CA GLY A 51 7.24 7.28 12.34
C GLY A 51 8.40 7.67 11.43
N GLN A 52 8.11 7.93 10.16
CA GLN A 52 9.16 8.25 9.20
C GLN A 52 9.96 9.49 9.59
N PRO A 53 9.35 10.56 10.11
CA PRO A 53 10.16 11.70 10.58
C PRO A 53 11.18 11.31 11.63
N ALA A 54 10.82 10.42 12.56
CA ALA A 54 11.79 9.95 13.54
C ALA A 54 12.85 9.08 12.88
N LYS A 55 12.43 8.19 11.97
CA LYS A 55 13.37 7.33 11.28
C LYS A 55 14.41 8.15 10.53
N ARG A 56 13.99 9.24 9.89
CA ARG A 56 14.90 9.99 9.03
C ARG A 56 16.02 10.66 9.81
N GLN A 57 15.78 11.07 11.05
CA GLN A 57 16.81 11.72 11.87
C GLN A 57 17.48 10.77 12.86
N ALA A 58 17.22 9.47 12.76
CA ALA A 58 17.80 8.51 13.70
C ALA A 58 19.32 8.48 13.63
N VAL A 59 19.89 8.56 12.42
CA VAL A 59 21.34 8.37 12.27
C VAL A 59 22.12 9.49 12.94
N THR A 60 21.53 10.67 13.08
CA THR A 60 22.19 11.81 13.71
C THR A 60 21.84 11.99 15.18
N ASN A 61 20.89 11.20 15.71
CA ASN A 61 20.38 11.38 17.06
C ASN A 61 20.22 10.01 17.71
N PRO A 62 21.32 9.25 17.80
CA PRO A 62 21.20 7.84 18.21
C PRO A 62 20.73 7.67 19.64
N GLN A 63 21.06 8.59 20.53
CA GLN A 63 20.72 8.43 21.94
C GLN A 63 19.23 8.61 22.18
N ASN A 64 18.57 9.47 21.40
CA ASN A 64 17.21 9.89 21.72
C ASN A 64 16.18 9.44 20.69
N THR A 65 16.53 8.45 19.88
CA THR A 65 15.63 7.85 18.91
C THR A 65 15.38 6.42 19.36
N LEU A 66 14.14 6.11 19.71
CA LEU A 66 13.77 4.82 20.28
C LEU A 66 13.16 3.95 19.20
N PHE A 67 13.57 2.70 19.15
CA PHE A 67 13.01 1.74 18.23
C PHE A 67 13.06 0.37 18.89
N ALA A 68 12.33 -0.59 18.31
CA ALA A 68 12.30 -1.95 18.81
C ALA A 68 11.91 -2.01 20.29
N ILE A 69 11.07 -1.07 20.73
CA ILE A 69 10.60 -1.07 22.12
C ILE A 69 9.70 -2.27 22.42
N LYS A 70 9.14 -2.92 21.40
CA LYS A 70 8.40 -4.15 21.62
C LYS A 70 9.26 -5.24 22.23
N ARG A 71 10.59 -5.15 22.11
CA ARG A 71 11.46 -6.11 22.78
C ARG A 71 11.55 -5.88 24.27
N LEU A 72 11.08 -4.73 24.75
CA LEU A 72 11.14 -4.38 26.15
C LEU A 72 9.79 -4.41 26.84
N ILE A 73 8.70 -4.27 26.08
CA ILE A 73 7.41 -4.02 26.70
C ILE A 73 7.01 -5.22 27.53
N GLY A 74 6.61 -4.96 28.79
CA GLY A 74 6.20 -5.99 29.71
C GLY A 74 7.30 -6.87 30.26
N ARG A 75 8.57 -6.49 30.08
CA ARG A 75 9.70 -7.31 30.50
C ARG A 75 10.44 -6.70 31.68
N ARG A 76 11.06 -7.59 32.46
CA ARG A 76 11.89 -7.20 33.59
C ARG A 76 13.30 -6.86 33.14
N PHE A 77 13.92 -5.91 33.84
CA PHE A 77 15.24 -5.43 33.44
C PHE A 77 16.25 -6.57 33.39
N GLN A 78 16.14 -7.53 34.31
CA GLN A 78 17.06 -8.66 34.39
C GLN A 78 16.70 -9.80 33.44
N ASP A 79 15.60 -9.69 32.70
CA ASP A 79 15.29 -10.64 31.64
C ASP A 79 16.45 -10.78 30.65
N GLU A 80 16.78 -12.03 30.31
CA GLU A 80 17.91 -12.28 29.42
C GLU A 80 17.79 -11.50 28.11
N GLU A 81 16.61 -11.53 27.47
CA GLU A 81 16.46 -10.79 26.22
C GLU A 81 16.72 -9.30 26.42
N VAL A 82 16.30 -8.74 27.56
CA VAL A 82 16.55 -7.33 27.80
C VAL A 82 18.05 -7.08 27.96
N GLN A 83 18.75 -7.93 28.73
CA GLN A 83 20.19 -7.74 28.89
C GLN A 83 20.92 -7.89 27.57
N ARG A 84 20.55 -8.89 26.78
CA ARG A 84 21.04 -8.98 25.41
C ARG A 84 20.76 -7.69 24.65
N ASP A 85 19.56 -7.13 24.85
CA ASP A 85 19.18 -5.91 24.13
C ASP A 85 19.99 -4.69 24.59
N VAL A 86 20.36 -4.62 25.87
CA VAL A 86 20.99 -3.42 26.41
C VAL A 86 22.26 -3.08 25.65
N SER A 87 23.08 -4.09 25.35
CA SER A 87 24.39 -3.83 24.75
C SER A 87 24.23 -3.29 23.32
N ILE A 88 23.32 -3.87 22.55
CA ILE A 88 23.23 -3.55 21.12
C ILE A 88 22.48 -2.26 20.88
N MET A 89 21.53 -1.90 21.74
CA MET A 89 20.72 -0.72 21.48
C MET A 89 21.53 0.55 21.76
N PRO A 90 21.38 1.58 20.91
CA PRO A 90 22.13 2.81 21.11
C PRO A 90 21.54 3.75 22.14
N PHE A 91 20.32 3.51 22.59
CA PHE A 91 19.71 4.33 23.62
C PHE A 91 19.82 3.63 24.98
N LYS A 92 19.54 4.40 26.03
CA LYS A 92 19.79 3.95 27.40
C LYS A 92 18.61 3.13 27.91
N ILE A 93 18.86 1.87 28.25
CA ILE A 93 17.90 0.98 28.87
C ILE A 93 18.29 0.84 30.34
N ILE A 94 17.32 1.06 31.24
CA ILE A 94 17.58 1.14 32.67
C ILE A 94 16.59 0.26 33.41
N ALA A 95 16.89 0.02 34.68
CA ALA A 95 15.97 -0.64 35.59
C ALA A 95 15.11 0.39 36.30
N ALA A 96 13.79 0.23 36.22
CA ALA A 96 12.90 1.04 37.03
C ALA A 96 13.08 0.68 38.50
N ASP A 97 12.52 1.50 39.38
CA ASP A 97 12.64 1.23 40.81
C ASP A 97 12.06 -0.14 41.15
N ASN A 98 11.08 -0.61 40.39
CA ASN A 98 10.46 -1.91 40.63
C ASN A 98 11.10 -3.05 39.84
N GLY A 99 12.15 -2.79 39.06
CA GLY A 99 12.83 -3.83 38.32
C GLY A 99 12.39 -4.04 36.90
N ASP A 100 11.43 -3.26 36.40
CA ASP A 100 11.03 -3.38 35.01
C ASP A 100 12.08 -2.74 34.09
N ALA A 101 12.09 -3.20 32.84
CA ALA A 101 12.97 -2.62 31.84
C ALA A 101 12.37 -1.32 31.32
N TRP A 102 13.06 -0.21 31.58
CA TRP A 102 12.65 1.12 31.15
C TRP A 102 13.71 1.71 30.24
N VAL A 103 13.41 2.88 29.70
CA VAL A 103 14.36 3.64 28.91
C VAL A 103 14.50 5.02 29.56
N GLU A 104 15.61 5.68 29.27
CA GLU A 104 15.86 7.03 29.76
C GLU A 104 16.27 7.91 28.58
N VAL A 105 15.52 8.99 28.36
CA VAL A 105 15.81 9.94 27.30
C VAL A 105 15.87 11.33 27.92
N LYS A 106 16.98 12.03 27.71
CA LYS A 106 17.16 13.40 28.20
C LYS A 106 16.82 13.47 29.70
N GLY A 107 17.36 12.53 30.47
CA GLY A 107 17.15 12.50 31.89
C GLY A 107 15.78 12.06 32.34
N GLN A 108 14.90 11.70 31.41
CA GLN A 108 13.53 11.29 31.72
C GLN A 108 13.42 9.78 31.64
N LYS A 109 12.96 9.17 32.73
CA LYS A 109 12.75 7.72 32.79
C LYS A 109 11.36 7.42 32.29
N MET A 110 11.26 6.55 31.29
CA MET A 110 9.98 6.25 30.66
C MET A 110 9.79 4.75 30.56
N ALA A 111 8.56 4.31 30.84
CA ALA A 111 8.16 2.93 30.70
C ALA A 111 7.81 2.62 29.23
N PRO A 112 8.07 1.40 28.78
CA PRO A 112 7.80 1.05 27.37
C PRO A 112 6.39 1.38 26.94
N PRO A 113 5.36 1.11 27.76
CA PRO A 113 4.00 1.42 27.28
C PRO A 113 3.82 2.88 26.92
N GLN A 114 4.51 3.79 27.61
CA GLN A 114 4.44 5.22 27.27
C GLN A 114 5.01 5.50 25.89
N ILE A 115 6.07 4.77 25.53
CA ILE A 115 6.71 4.97 24.24
C ILE A 115 5.85 4.38 23.13
N SER A 116 5.43 3.11 23.28
CA SER A 116 4.57 2.50 22.27
C SER A 116 3.26 3.26 22.12
N ALA A 117 2.80 3.91 23.18
CA ALA A 117 1.59 4.74 23.10
C ALA A 117 1.72 5.82 22.05
N GLU A 118 2.93 6.33 21.85
CA GLU A 118 3.13 7.36 20.82
C GLU A 118 2.82 6.81 19.43
N VAL A 119 3.23 5.57 19.17
CA VAL A 119 2.92 4.96 17.88
C VAL A 119 1.43 4.69 17.74
N LEU A 120 0.81 4.20 18.82
CA LEU A 120 -0.62 3.91 18.78
C LEU A 120 -1.43 5.19 18.60
N LYS A 121 -1.01 6.28 19.25
CA LYS A 121 -1.69 7.57 19.03
C LYS A 121 -1.63 8.00 17.57
N LYS A 122 -0.48 7.79 16.92
CA LYS A 122 -0.40 8.12 15.50
C LYS A 122 -1.36 7.26 14.68
N MET A 123 -1.48 5.95 15.00
CA MET A 123 -2.44 5.11 14.30
C MET A 123 -3.87 5.63 14.52
N LYS A 124 -4.17 6.09 15.74
CA LYS A 124 -5.49 6.60 16.07
C LYS A 124 -5.83 7.83 15.25
N LYS A 125 -4.91 8.82 15.17
CA LYS A 125 -5.19 10.01 14.38
C LYS A 125 -5.33 9.69 12.91
N THR A 126 -4.51 8.76 12.39
CA THR A 126 -4.68 8.32 11.01
C THR A 126 -6.13 7.91 10.77
N ALA A 127 -6.68 7.12 11.70
CA ALA A 127 -8.07 6.70 11.56
C ALA A 127 -9.03 7.87 11.73
N GLU A 128 -8.77 8.74 12.70
CA GLU A 128 -9.66 9.88 12.92
C GLU A 128 -9.67 10.81 11.72
N ASP A 129 -8.51 10.97 11.06
CA ASP A 129 -8.48 11.75 9.83
C ASP A 129 -9.36 11.13 8.75
N TYR A 130 -9.29 9.80 8.59
CA TYR A 130 -10.07 9.14 7.55
C TYR A 130 -11.56 9.27 7.84
N LEU A 131 -11.96 9.02 9.09
CA LEU A 131 -13.37 9.02 9.45
C LEU A 131 -13.93 10.42 9.69
N GLY A 132 -13.09 11.41 9.96
CA GLY A 132 -13.62 12.72 10.26
C GLY A 132 -14.32 12.83 11.59
N GLU A 133 -14.13 11.86 12.47
CA GLU A 133 -14.76 11.81 13.78
C GLU A 133 -13.74 11.27 14.76
N PRO A 134 -13.99 11.44 16.06
CA PRO A 134 -13.09 10.81 17.05
C PRO A 134 -13.22 9.30 16.99
N VAL A 135 -12.10 8.64 17.26
CA VAL A 135 -11.98 7.18 17.33
C VAL A 135 -11.37 6.82 18.66
N THR A 136 -11.98 5.85 19.35
CA THR A 136 -11.47 5.42 20.64
C THR A 136 -11.47 3.91 20.85
N GLU A 137 -12.18 3.13 20.04
CA GLU A 137 -12.26 1.70 20.28
C GLU A 137 -11.30 1.01 19.34
N ALA A 138 -10.53 0.06 19.87
CA ALA A 138 -9.50 -0.58 19.08
C ALA A 138 -9.35 -2.06 19.46
N VAL A 139 -9.02 -2.87 18.46
CA VAL A 139 -8.47 -4.21 18.63
C VAL A 139 -6.98 -4.11 18.34
N ILE A 140 -6.13 -4.52 19.28
CA ILE A 140 -4.69 -4.44 19.13
C ILE A 140 -4.10 -5.84 19.14
N THR A 141 -3.13 -6.09 18.28
CA THR A 141 -2.56 -7.43 18.17
C THR A 141 -1.25 -7.53 18.94
N VAL A 142 -0.93 -8.76 19.34
CA VAL A 142 0.33 -9.11 20.00
C VAL A 142 0.83 -10.43 19.42
N PRO A 143 2.13 -10.68 19.54
CA PRO A 143 2.63 -12.01 19.15
C PRO A 143 2.02 -13.10 20.00
N ALA A 144 1.88 -14.29 19.38
CA ALA A 144 1.33 -15.43 20.07
C ALA A 144 2.17 -15.86 21.26
N TYR A 145 3.46 -15.52 21.26
CA TYR A 145 4.35 -15.89 22.36
C TYR A 145 4.33 -14.90 23.53
N PHE A 146 3.57 -13.80 23.44
CA PHE A 146 3.50 -12.85 24.55
C PHE A 146 2.90 -13.50 25.78
N ASN A 147 3.46 -13.17 26.93
CA ASN A 147 2.96 -13.67 28.21
C ASN A 147 2.00 -12.66 28.80
N ASP A 148 1.54 -12.91 30.04
CA ASP A 148 0.56 -12.01 30.66
C ASP A 148 1.09 -10.58 30.78
N ALA A 149 2.33 -10.44 31.25
CA ALA A 149 2.87 -9.11 31.49
C ALA A 149 3.02 -8.34 30.20
N GLN A 150 3.46 -9.02 29.13
CA GLN A 150 3.61 -8.37 27.84
C GLN A 150 2.27 -7.96 27.27
N ARG A 151 1.24 -8.80 27.42
CA ARG A 151 -0.09 -8.43 26.95
C ARG A 151 -0.65 -7.26 27.76
N GLN A 152 -0.51 -7.31 29.08
CA GLN A 152 -1.04 -6.23 29.91
C GLN A 152 -0.37 -4.91 29.59
N ALA A 153 0.95 -4.91 29.37
CA ALA A 153 1.66 -3.68 29.04
C ALA A 153 1.24 -3.15 27.67
N THR A 154 0.90 -4.04 26.73
CA THR A 154 0.39 -3.58 25.45
C THR A 154 -0.99 -2.95 25.60
N LYS A 155 -1.84 -3.52 26.46
CA LYS A 155 -3.13 -2.87 26.75
C LYS A 155 -2.93 -1.50 27.35
N ASP A 156 -2.01 -1.38 28.31
CA ASP A 156 -1.70 -0.10 28.92
C ASP A 156 -1.23 0.91 27.88
N ALA A 157 -0.41 0.46 26.94
CA ALA A 157 0.01 1.34 25.84
C ALA A 157 -1.20 1.83 25.05
N GLY A 158 -2.16 0.93 24.77
CA GLY A 158 -3.37 1.37 24.10
C GLY A 158 -4.13 2.42 24.90
N ARG A 159 -4.25 2.22 26.21
CA ARG A 159 -4.99 3.19 27.02
C ARG A 159 -4.24 4.53 27.10
N ILE A 160 -2.92 4.51 27.22
CA ILE A 160 -2.16 5.75 27.23
C ILE A 160 -2.31 6.49 25.91
N ALA A 161 -2.63 5.78 24.83
CA ALA A 161 -2.92 6.43 23.56
C ALA A 161 -4.35 6.95 23.49
N GLY A 162 -5.13 6.84 24.56
CA GLY A 162 -6.50 7.29 24.53
C GLY A 162 -7.46 6.31 23.92
N LEU A 163 -7.10 5.03 23.85
CA LEU A 163 -7.91 4.01 23.22
C LEU A 163 -8.58 3.13 24.27
N GLU A 164 -9.83 2.76 24.01
CA GLU A 164 -10.47 1.64 24.70
C GLU A 164 -10.06 0.36 23.99
N VAL A 165 -9.29 -0.48 24.68
CA VAL A 165 -8.80 -1.72 24.09
C VAL A 165 -9.89 -2.77 24.21
N LYS A 166 -10.70 -2.90 23.17
CA LYS A 166 -11.82 -3.85 23.20
C LYS A 166 -11.34 -5.29 23.28
N ARG A 167 -10.27 -5.61 22.57
CA ARG A 167 -9.72 -6.96 22.55
C ARG A 167 -8.24 -6.88 22.22
N ILE A 168 -7.48 -7.80 22.81
CA ILE A 168 -6.18 -8.20 22.30
C ILE A 168 -6.37 -9.54 21.60
N ILE A 169 -5.81 -9.69 20.41
CA ILE A 169 -5.77 -10.99 19.75
C ILE A 169 -4.37 -11.22 19.22
N ASN A 170 -4.01 -12.48 19.03
CA ASN A 170 -2.65 -12.74 18.60
CA ASN A 170 -2.66 -12.77 18.60
C ASN A 170 -2.52 -12.57 17.09
N GLU A 171 -1.32 -12.19 16.68
CA GLU A 171 -1.09 -11.82 15.29
C GLU A 171 -1.42 -12.92 14.28
N PRO A 172 -1.11 -14.20 14.53
CA PRO A 172 -1.48 -15.23 13.54
C PRO A 172 -2.98 -15.42 13.41
N THR A 173 -3.73 -15.33 14.51
CA THR A 173 -5.17 -15.39 14.42
C THR A 173 -5.69 -14.24 13.57
N ALA A 174 -5.13 -13.05 13.76
CA ALA A 174 -5.51 -11.91 12.95
C ALA A 174 -5.27 -12.22 11.48
N ALA A 175 -4.08 -12.72 11.14
CA ALA A 175 -3.78 -13.01 9.74
C ALA A 175 -4.78 -14.02 9.19
N ALA A 176 -5.17 -14.98 10.01
CA ALA A 176 -6.13 -15.99 9.59
C ALA A 176 -7.51 -15.39 9.32
N LEU A 177 -7.94 -14.44 10.15
CA LEU A 177 -9.19 -13.75 9.89
C LEU A 177 -9.13 -12.99 8.57
N ALA A 178 -7.98 -12.39 8.26
CA ALA A 178 -7.84 -11.70 6.98
C ALA A 178 -8.00 -12.68 5.82
N TYR A 179 -7.27 -13.79 5.88
CA TYR A 179 -7.38 -14.81 4.85
C TYR A 179 -8.78 -15.39 4.77
N GLY A 180 -9.40 -15.61 5.92
CA GLY A 180 -10.70 -16.24 5.98
C GLY A 180 -11.83 -15.39 5.44
N LEU A 181 -11.56 -14.12 5.10
CA LEU A 181 -12.51 -13.30 4.34
C LEU A 181 -12.67 -13.81 2.92
N ASP A 182 -11.61 -14.38 2.35
CA ASP A 182 -11.70 -14.89 0.98
C ASP A 182 -12.74 -16.01 0.90
N LYS A 183 -13.31 -16.17 -0.27
CA LYS A 183 -14.32 -17.18 -0.49
C LYS A 183 -13.67 -18.55 -0.70
N GLY A 184 -14.36 -19.61 -0.27
CA GLY A 184 -13.84 -20.95 -0.41
C GLY A 184 -12.77 -21.32 0.60
N THR A 185 -12.66 -20.59 1.70
CA THR A 185 -11.65 -20.85 2.72
C THR A 185 -12.17 -21.69 3.90
N GLY A 186 -13.43 -22.08 3.90
CA GLY A 186 -13.98 -22.85 5.00
C GLY A 186 -13.53 -24.30 4.99
N ASN A 187 -13.40 -24.86 6.21
CA ASN A 187 -13.03 -26.26 6.42
C ASN A 187 -11.67 -26.58 5.80
N ARG A 188 -10.70 -25.82 6.27
CA ARG A 188 -9.31 -25.92 5.86
C ARG A 188 -8.43 -25.75 7.08
N THR A 189 -7.25 -26.37 7.06
CA THR A 189 -6.19 -26.08 8.01
C THR A 189 -5.13 -25.24 7.33
N ILE A 190 -4.71 -24.15 7.97
CA ILE A 190 -3.69 -23.29 7.39
C ILE A 190 -2.48 -23.22 8.30
N ALA A 191 -1.32 -22.96 7.69
CA ALA A 191 -0.09 -22.65 8.40
C ALA A 191 0.22 -21.17 8.21
N VAL A 192 0.38 -20.44 9.31
CA VAL A 192 0.74 -19.03 9.29
C VAL A 192 2.21 -18.92 9.66
N TYR A 193 3.04 -18.64 8.66
CA TYR A 193 4.49 -18.55 8.78
C TYR A 193 4.79 -17.06 8.84
N ASP A 194 5.12 -16.57 10.05
CA ASP A 194 5.25 -15.13 10.32
C ASP A 194 6.71 -14.81 10.64
N LEU A 195 7.38 -14.14 9.71
CA LEU A 195 8.77 -13.73 9.89
C LEU A 195 8.75 -12.20 9.85
N GLY A 196 8.67 -11.60 11.03
CA GLY A 196 8.66 -10.16 11.18
C GLY A 196 10.03 -9.62 11.56
N GLY A 197 10.04 -8.36 11.98
CA GLY A 197 11.27 -7.73 12.43
C GLY A 197 11.80 -8.27 13.74
N GLY A 198 10.90 -8.69 14.64
CA GLY A 198 11.33 -9.06 15.98
C GLY A 198 11.36 -10.55 16.26
N ALA A 199 10.69 -11.35 15.44
CA ALA A 199 10.60 -12.78 15.75
C ALA A 199 10.08 -13.57 14.57
N PHE A 200 10.31 -14.87 14.65
CA PHE A 200 9.62 -15.86 13.85
C PHE A 200 8.52 -16.50 14.69
N ASP A 201 7.37 -16.69 14.08
CA ASP A 201 6.26 -17.37 14.71
C ASP A 201 5.55 -18.24 13.69
N ILE A 202 5.20 -19.46 14.08
CA ILE A 202 4.43 -20.39 13.25
C ILE A 202 3.17 -20.74 14.03
N SER A 203 2.01 -20.62 13.37
CA SER A 203 0.76 -21.07 13.94
C SER A 203 0.01 -21.95 12.95
N ILE A 204 -0.66 -22.97 13.48
CA ILE A 204 -1.53 -23.86 12.72
C ILE A 204 -2.93 -23.54 13.17
N ILE A 205 -3.78 -23.11 12.24
CA ILE A 205 -5.11 -22.63 12.55
C ILE A 205 -6.13 -23.37 11.71
N GLU A 206 -7.21 -23.81 12.34
CA GLU A 206 -8.33 -24.49 11.69
C GLU A 206 -9.41 -23.46 11.40
N ILE A 207 -9.84 -23.39 10.15
CA ILE A 207 -10.94 -22.54 9.73
C ILE A 207 -12.04 -23.48 9.26
N ASP A 208 -13.07 -23.64 10.09
CA ASP A 208 -14.16 -24.57 9.80
C ASP A 208 -15.42 -23.78 9.48
N GLU A 209 -16.34 -24.41 8.76
CA GLU A 209 -17.61 -23.76 8.42
C GLU A 209 -18.71 -24.78 8.64
N VAL A 210 -19.56 -24.51 9.63
CA VAL A 210 -20.61 -25.43 10.07
C VAL A 210 -21.85 -24.61 10.38
N ASP A 211 -22.98 -25.00 9.81
CA ASP A 211 -24.26 -24.33 10.07
C ASP A 211 -24.15 -22.83 9.84
N GLY A 212 -23.45 -22.44 8.77
CA GLY A 212 -23.33 -21.05 8.39
C GLY A 212 -22.29 -20.24 9.15
N GLU A 213 -21.70 -20.79 10.20
CA GLU A 213 -20.75 -20.10 11.04
C GLU A 213 -19.33 -20.50 10.66
N LYS A 214 -18.47 -19.53 10.41
CA LYS A 214 -17.06 -19.79 10.15
C LYS A 214 -16.30 -19.60 11.46
N THR A 215 -15.61 -20.65 11.90
CA THR A 215 -14.88 -20.64 13.16
C THR A 215 -13.38 -20.72 12.91
N PHE A 216 -12.63 -20.10 13.81
CA PHE A 216 -11.18 -20.01 13.75
C PHE A 216 -10.60 -20.49 15.07
N GLU A 217 -9.79 -21.54 15.03
CA GLU A 217 -9.24 -22.10 16.26
C GLU A 217 -7.75 -22.38 16.07
N VAL A 218 -6.93 -21.94 17.03
CA VAL A 218 -5.50 -22.21 17.01
C VAL A 218 -5.25 -23.64 17.45
N LEU A 219 -4.59 -24.42 16.60
CA LEU A 219 -4.23 -25.81 16.90
C LEU A 219 -2.79 -25.95 17.40
N ALA A 220 -1.90 -25.03 17.04
CA ALA A 220 -0.56 -25.05 17.60
C ALA A 220 0.13 -23.73 17.28
N THR A 221 1.08 -23.36 18.14
CA THR A 221 1.86 -22.17 17.89
C THR A 221 3.19 -22.30 18.61
N ASN A 222 4.22 -21.69 18.03
CA ASN A 222 5.48 -21.49 18.75
C ASN A 222 6.24 -20.41 17.99
N GLY A 223 7.20 -19.79 18.70
CA GLY A 223 7.94 -18.68 18.15
C GLY A 223 9.39 -18.67 18.62
N ASP A 224 10.19 -17.85 17.95
CA ASP A 224 11.61 -17.72 18.26
C ASP A 224 12.03 -16.28 17.97
N THR A 225 12.32 -15.51 19.03
CA THR A 225 12.68 -14.10 18.89
C THR A 225 14.11 -13.90 18.39
N HIS A 226 14.88 -14.96 18.19
CA HIS A 226 16.23 -14.84 17.69
C HIS A 226 16.32 -15.05 16.19
N LEU A 227 15.18 -15.25 15.52
CA LEU A 227 15.14 -15.53 14.09
C LEU A 227 14.48 -14.42 13.28
N GLY A 228 14.28 -13.25 13.88
CA GLY A 228 13.60 -12.15 13.21
C GLY A 228 14.49 -11.37 12.24
N GLY A 229 13.87 -10.44 11.53
CA GLY A 229 14.58 -9.67 10.51
C GLY A 229 15.73 -8.85 11.07
N GLU A 230 15.63 -8.43 12.33
CA GLU A 230 16.75 -7.72 12.94
C GLU A 230 17.99 -8.61 13.03
N ASP A 231 17.79 -9.90 13.21
CA ASP A 231 18.89 -10.85 13.23
C ASP A 231 19.47 -11.05 11.83
N PHE A 232 18.62 -11.03 10.81
CA PHE A 232 19.12 -11.00 9.44
C PHE A 232 20.01 -9.77 9.23
N ASP A 233 19.53 -8.60 9.65
CA ASP A 233 20.31 -7.37 9.53
C ASP A 233 21.68 -7.53 10.19
N SER A 234 21.70 -8.08 11.41
CA SER A 234 22.94 -8.21 12.16
C SER A 234 23.99 -9.03 11.40
N ARG A 235 23.58 -10.12 10.74
N ARG A 235 23.58 -10.11 10.74
CA ARG A 235 24.52 -10.90 9.95
CA ARG A 235 24.52 -10.90 9.95
C ARG A 235 25.13 -10.04 8.84
C ARG A 235 25.14 -10.04 8.83
N LEU A 236 24.32 -9.23 8.16
CA LEU A 236 24.83 -8.40 7.07
C LEU A 236 25.71 -7.27 7.61
N ILE A 237 25.32 -6.66 8.73
CA ILE A 237 26.13 -5.62 9.36
C ILE A 237 27.51 -6.15 9.71
N ASN A 238 27.55 -7.33 10.34
CA ASN A 238 28.82 -7.92 10.71
C ASN A 238 29.70 -8.14 9.50
N TYR A 239 29.10 -8.56 8.40
CA TYR A 239 29.84 -8.74 7.16
C TYR A 239 30.40 -7.40 6.67
N LEU A 240 29.59 -6.35 6.69
CA LEU A 240 30.07 -5.05 6.25
C LEU A 240 31.19 -4.51 7.15
N VAL A 241 31.10 -4.75 8.47
CA VAL A 241 32.17 -4.34 9.38
C VAL A 241 33.45 -5.08 9.06
N GLU A 242 33.35 -6.39 8.87
CA GLU A 242 34.56 -7.18 8.62
C GLU A 242 35.13 -6.82 7.25
N GLU A 243 34.26 -6.56 6.27
CA GLU A 243 34.75 -6.18 4.95
C GLU A 243 35.46 -4.84 4.98
N PHE A 244 34.93 -3.87 5.74
CA PHE A 244 35.60 -2.57 5.82
C PHE A 244 36.96 -2.71 6.53
N LYS A 245 37.04 -3.56 7.56
CA LYS A 245 38.34 -3.78 8.17
C LYS A 245 39.30 -4.41 7.18
N LYS A 246 38.83 -5.39 6.39
CA LYS A 246 39.68 -6.02 5.38
C LYS A 246 40.15 -5.00 4.36
N ASP A 247 39.27 -4.07 3.96
CA ASP A 247 39.60 -3.16 2.88
C ASP A 247 40.47 -2.00 3.35
N GLN A 248 40.23 -1.50 4.57
CA GLN A 248 40.89 -0.29 5.03
C GLN A 248 41.44 -0.38 6.43
N GLY A 249 41.36 -1.53 7.09
CA GLY A 249 42.01 -1.69 8.37
C GLY A 249 41.36 -0.92 9.50
N ILE A 250 40.09 -0.54 9.36
CA ILE A 250 39.38 0.23 10.35
C ILE A 250 38.22 -0.60 10.86
N ASP A 251 38.08 -0.69 12.18
CA ASP A 251 36.97 -1.38 12.84
C ASP A 251 35.94 -0.32 13.21
N LEU A 252 34.78 -0.34 12.55
CA LEU A 252 33.77 0.69 12.76
C LEU A 252 33.00 0.52 14.06
N ARG A 253 33.17 -0.61 14.76
CA ARG A 253 32.24 -0.95 15.83
C ARG A 253 32.30 0.04 17.00
N ASN A 254 33.43 0.72 17.21
CA ASN A 254 33.53 1.69 18.30
C ASN A 254 33.05 3.08 17.91
N ASP A 255 32.45 3.23 16.72
CA ASP A 255 31.99 4.52 16.20
C ASP A 255 30.47 4.51 16.10
N PRO A 256 29.75 4.96 17.13
CA PRO A 256 28.28 4.84 17.11
C PRO A 256 27.60 5.48 15.90
N LEU A 257 28.03 6.65 15.47
CA LEU A 257 27.41 7.30 14.33
C LEU A 257 27.57 6.47 13.08
N ALA A 258 28.79 5.95 12.85
CA ALA A 258 29.02 5.09 11.70
C ALA A 258 28.18 3.82 11.79
N MET A 259 28.08 3.22 12.98
CA MET A 259 27.33 2.00 13.10
C MET A 259 25.84 2.25 12.87
N GLN A 260 25.32 3.42 13.24
CA GLN A 260 23.92 3.70 12.96
C GLN A 260 23.69 3.84 11.45
N ARG A 261 24.58 4.55 10.76
CA ARG A 261 24.48 4.64 9.31
C ARG A 261 24.59 3.26 8.67
N LEU A 262 25.49 2.42 9.19
CA LEU A 262 25.71 1.11 8.60
C LEU A 262 24.50 0.21 8.82
N LYS A 263 23.86 0.31 9.99
CA LYS A 263 22.65 -0.48 10.26
C LYS A 263 21.55 -0.13 9.27
N GLU A 264 21.35 1.17 9.01
CA GLU A 264 20.31 1.58 8.09
C GLU A 264 20.62 1.15 6.67
N ALA A 265 21.89 1.28 6.25
CA ALA A 265 22.29 0.87 4.90
C ALA A 265 22.16 -0.63 4.71
N ALA A 266 22.51 -1.39 5.75
CA ALA A 266 22.43 -2.84 5.69
C ALA A 266 20.99 -3.30 5.49
N GLU A 267 20.06 -2.71 6.23
CA GLU A 267 18.68 -3.10 6.10
C GLU A 267 18.16 -2.78 4.70
N LYS A 268 18.53 -1.62 4.17
CA LYS A 268 18.11 -1.24 2.83
C LYS A 268 18.74 -2.14 1.78
N ALA A 269 19.99 -2.53 1.98
CA ALA A 269 20.61 -3.44 1.02
C ALA A 269 19.92 -4.81 1.06
N LYS A 270 19.63 -5.30 2.25
CA LYS A 270 18.90 -6.57 2.37
C LYS A 270 17.59 -6.51 1.62
N ILE A 271 16.83 -5.44 1.82
CA ILE A 271 15.54 -5.34 1.17
C ILE A 271 15.72 -5.33 -0.34
N GLU A 272 16.70 -4.57 -0.83
CA GLU A 272 16.91 -4.47 -2.26
C GLU A 272 17.26 -5.82 -2.87
N LEU A 273 17.97 -6.66 -2.12
CA LEU A 273 18.37 -7.97 -2.62
C LEU A 273 17.22 -8.97 -2.65
N SER A 274 16.02 -8.61 -2.17
CA SER A 274 14.84 -9.42 -2.47
C SER A 274 14.36 -9.21 -3.90
N SER A 275 14.78 -8.13 -4.54
CA SER A 275 14.42 -7.80 -5.90
C SER A 275 15.55 -7.97 -6.91
N ALA A 276 16.77 -7.66 -6.53
CA ALA A 276 17.93 -7.66 -7.42
C ALA A 276 18.91 -8.74 -7.00
N GLN A 277 19.86 -9.03 -7.90
CA GLN A 277 20.92 -10.01 -7.62
C GLN A 277 22.15 -9.39 -6.97
N GLN A 278 22.25 -8.06 -6.96
CA GLN A 278 23.35 -7.38 -6.32
C GLN A 278 22.90 -5.99 -5.91
N THR A 279 23.64 -5.41 -4.96
CA THR A 279 23.40 -4.06 -4.51
C THR A 279 24.71 -3.46 -4.01
N ASP A 280 24.72 -2.14 -3.91
CA ASP A 280 25.92 -1.41 -3.51
C ASP A 280 25.62 -0.61 -2.25
N VAL A 281 26.42 -0.83 -1.21
CA VAL A 281 26.37 -0.07 0.03
C VAL A 281 27.41 1.04 -0.07
N ASN A 282 26.94 2.28 -0.17
CA ASN A 282 27.79 3.43 -0.44
C ASN A 282 27.56 4.46 0.66
N LEU A 283 28.55 4.62 1.53
CA LEU A 283 28.46 5.51 2.70
C LEU A 283 29.67 6.42 2.72
N PRO A 284 29.57 7.60 2.11
CA PRO A 284 30.69 8.55 2.16
C PRO A 284 30.86 9.16 3.54
N TYR A 285 32.11 9.50 3.86
CA TYR A 285 32.46 10.14 5.12
C TYR A 285 31.96 9.29 6.28
N ILE A 286 32.16 7.97 6.18
CA ILE A 286 31.65 7.06 7.20
C ILE A 286 32.44 7.21 8.49
N THR A 287 33.72 7.55 8.40
CA THR A 287 34.54 7.86 9.56
C THR A 287 35.73 8.66 9.05
N ALA A 288 36.70 8.88 9.92
CA ALA A 288 37.92 9.61 9.59
C ALA A 288 38.99 9.17 10.58
N ASP A 289 40.24 9.30 10.17
CA ASP A 289 41.35 9.07 11.08
C ASP A 289 42.37 10.19 10.84
N ALA A 290 43.60 9.97 11.29
CA ALA A 290 44.61 11.02 11.20
C ALA A 290 44.89 11.42 9.76
N THR A 291 44.60 10.56 8.79
CA THR A 291 44.89 10.88 7.39
C THR A 291 43.70 11.43 6.63
N GLY A 292 42.58 11.69 7.31
CA GLY A 292 41.47 12.33 6.67
C GLY A 292 40.25 11.45 6.61
N PRO A 293 39.26 11.87 5.82
CA PRO A 293 37.99 11.14 5.80
C PRO A 293 38.12 9.80 5.09
N LYS A 294 37.25 8.87 5.49
CA LYS A 294 37.20 7.52 4.92
C LYS A 294 35.79 7.24 4.41
N HIS A 295 35.71 6.40 3.39
CA HIS A 295 34.47 6.17 2.66
C HIS A 295 34.26 4.69 2.43
N MET A 296 33.01 4.26 2.58
CA MET A 296 32.65 2.86 2.35
C MET A 296 31.97 2.70 1.01
N ASN A 297 32.39 1.68 0.26
CA ASN A 297 31.71 1.27 -0.96
C ASN A 297 31.87 -0.23 -1.10
N ILE A 298 30.82 -0.98 -0.80
CA ILE A 298 30.88 -2.44 -0.73
C ILE A 298 29.73 -3.00 -1.53
N LYS A 299 30.04 -3.90 -2.46
CA LYS A 299 29.04 -4.60 -3.26
C LYS A 299 28.63 -5.86 -2.52
N VAL A 300 27.32 -6.11 -2.47
CA VAL A 300 26.78 -7.29 -1.83
C VAL A 300 25.88 -7.98 -2.83
N THR A 301 26.16 -9.25 -3.10
CA THR A 301 25.32 -10.06 -3.98
C THR A 301 24.24 -10.76 -3.16
N ARG A 302 23.19 -11.19 -3.87
CA ARG A 302 22.16 -12.00 -3.23
C ARG A 302 22.74 -13.32 -2.73
N ALA A 303 23.62 -13.95 -3.51
CA ALA A 303 24.24 -15.20 -3.07
C ALA A 303 25.00 -15.01 -1.77
N LYS A 304 25.70 -13.88 -1.62
CA LYS A 304 26.42 -13.64 -0.38
C LYS A 304 25.45 -13.46 0.78
N LEU A 305 24.40 -12.66 0.58
CA LEU A 305 23.40 -12.48 1.63
C LEU A 305 22.80 -13.82 2.02
N GLU A 306 22.43 -14.64 1.04
CA GLU A 306 21.87 -15.96 1.30
C GLU A 306 22.82 -16.82 2.10
N SER A 307 24.12 -16.73 1.83
CA SER A 307 25.09 -17.45 2.63
C SER A 307 25.12 -16.94 4.06
N LEU A 308 24.97 -15.62 4.25
CA LEU A 308 25.08 -15.05 5.60
C LEU A 308 23.90 -15.42 6.48
N VAL A 309 22.71 -15.63 5.90
CA VAL A 309 21.49 -15.84 6.70
C VAL A 309 20.91 -17.24 6.51
N GLU A 310 21.60 -18.12 5.78
CA GLU A 310 21.07 -19.44 5.50
C GLU A 310 20.72 -20.20 6.79
N ASP A 311 21.58 -20.10 7.80
CA ASP A 311 21.35 -20.81 9.05
C ASP A 311 20.13 -20.27 9.77
N LEU A 312 19.90 -18.96 9.69
CA LEU A 312 18.70 -18.39 10.28
C LEU A 312 17.46 -18.94 9.61
N VAL A 313 17.49 -19.00 8.28
CA VAL A 313 16.31 -19.51 7.59
C VAL A 313 16.10 -20.95 7.95
N ASN A 314 17.18 -21.73 7.97
CA ASN A 314 17.07 -23.16 8.26
C ASN A 314 16.60 -23.41 9.68
N ARG A 315 16.93 -22.53 10.63
CA ARG A 315 16.47 -22.69 11.99
C ARG A 315 14.96 -22.48 12.13
N SER A 316 14.28 -21.93 11.11
CA SER A 316 12.84 -21.80 11.19
C SER A 316 12.10 -23.10 10.87
N ILE A 317 12.80 -24.14 10.42
CA ILE A 317 12.13 -25.38 9.99
C ILE A 317 11.77 -26.25 11.19
N GLU A 318 12.68 -26.41 12.14
CA GLU A 318 12.35 -27.26 13.29
C GLU A 318 11.15 -26.74 14.08
N PRO A 319 10.96 -25.43 14.28
CA PRO A 319 9.69 -24.96 14.86
C PRO A 319 8.45 -25.39 14.08
N LEU A 320 8.53 -25.48 12.74
CA LEU A 320 7.40 -25.97 11.96
C LEU A 320 7.08 -27.42 12.31
N LYS A 321 8.12 -28.25 12.37
CA LYS A 321 7.90 -29.66 12.67
C LYS A 321 7.26 -29.81 14.04
N VAL A 322 7.74 -29.03 15.02
CA VAL A 322 7.18 -29.09 16.36
C VAL A 322 5.72 -28.69 16.36
N ALA A 323 5.36 -27.61 15.64
CA ALA A 323 3.96 -27.16 15.62
C ALA A 323 3.04 -28.24 15.05
N LEU A 324 3.47 -28.91 13.97
CA LEU A 324 2.69 -30.01 13.41
C LEU A 324 2.58 -31.17 14.38
N GLN A 325 3.68 -31.54 15.06
CA GLN A 325 3.59 -32.59 16.07
C GLN A 325 2.59 -32.21 17.15
N ASP A 326 2.64 -30.96 17.60
CA ASP A 326 1.81 -30.50 18.69
C ASP A 326 0.33 -30.43 18.29
N ALA A 327 0.04 -30.22 17.00
CA ALA A 327 -1.33 -30.28 16.49
C ALA A 327 -1.75 -31.69 16.08
N GLY A 328 -0.85 -32.65 16.10
CA GLY A 328 -1.14 -33.99 15.65
C GLY A 328 -1.37 -34.11 14.15
N LEU A 329 -0.75 -33.25 13.35
CA LEU A 329 -1.02 -33.20 11.91
C LEU A 329 0.22 -33.52 11.10
N SER A 330 -0.02 -33.96 9.88
CA SER A 330 0.99 -34.09 8.84
C SER A 330 0.96 -32.87 7.95
N VAL A 331 2.06 -32.65 7.23
CA VAL A 331 2.08 -31.61 6.20
C VAL A 331 0.93 -31.81 5.21
N SER A 332 0.53 -33.07 4.95
CA SER A 332 -0.55 -33.34 4.01
C SER A 332 -1.90 -32.84 4.50
N ASP A 333 -1.99 -32.49 5.77
CA ASP A 333 -3.21 -31.91 6.32
C ASP A 333 -3.28 -30.40 6.18
N ILE A 334 -2.19 -29.76 5.76
CA ILE A 334 -2.15 -28.31 5.63
C ILE A 334 -2.66 -27.96 4.23
N ASP A 335 -3.80 -27.28 4.19
CA ASP A 335 -4.45 -26.97 2.92
C ASP A 335 -3.94 -25.68 2.30
N ASP A 336 -3.44 -24.75 3.10
CA ASP A 336 -2.89 -23.49 2.60
C ASP A 336 -1.79 -23.02 3.53
N VAL A 337 -0.78 -22.35 2.96
CA VAL A 337 0.30 -21.70 3.70
C VAL A 337 0.20 -20.21 3.43
N ILE A 338 0.27 -19.42 4.49
CA ILE A 338 0.16 -17.96 4.44
C ILE A 338 1.45 -17.39 4.99
N LEU A 339 2.10 -16.56 4.22
CA LEU A 339 3.30 -15.85 4.66
C LEU A 339 2.87 -14.52 5.26
N VAL A 340 3.35 -14.23 6.46
CA VAL A 340 3.15 -12.95 7.10
C VAL A 340 4.51 -12.36 7.43
N GLY A 341 4.64 -11.04 7.28
CA GLY A 341 5.87 -10.38 7.68
C GLY A 341 6.78 -9.99 6.52
N GLY A 342 7.39 -8.82 6.62
CA GLY A 342 8.18 -8.32 5.50
C GLY A 342 9.36 -9.19 5.18
N GLN A 343 9.87 -9.91 6.18
CA GLN A 343 11.07 -10.72 5.98
C GLN A 343 10.76 -11.95 5.14
N THR A 344 9.48 -12.32 5.01
CA THR A 344 9.11 -13.42 4.11
C THR A 344 9.19 -13.02 2.64
N ARG A 345 9.41 -11.75 2.32
CA ARG A 345 9.61 -11.37 0.92
C ARG A 345 10.97 -11.80 0.38
N MET A 346 11.88 -12.28 1.21
CA MET A 346 13.14 -12.79 0.72
C MET A 346 12.90 -14.06 -0.09
N PRO A 347 13.33 -14.12 -1.35
CA PRO A 347 13.11 -15.33 -2.15
C PRO A 347 13.58 -16.62 -1.47
N MET A 348 14.73 -16.60 -0.78
CA MET A 348 15.19 -17.83 -0.13
C MET A 348 14.18 -18.32 0.90
N VAL A 349 13.56 -17.41 1.65
CA VAL A 349 12.58 -17.80 2.66
C VAL A 349 11.38 -18.45 1.97
N GLN A 350 10.88 -17.80 0.91
CA GLN A 350 9.70 -18.32 0.23
C GLN A 350 9.97 -19.72 -0.33
N LYS A 351 11.15 -19.94 -0.90
CA LYS A 351 11.45 -21.27 -1.46
C LYS A 351 11.53 -22.33 -0.36
N LYS A 352 12.17 -22.00 0.76
CA LYS A 352 12.31 -22.97 1.84
C LYS A 352 10.95 -23.37 2.39
N VAL A 353 10.03 -22.41 2.51
CA VAL A 353 8.70 -22.69 3.03
C VAL A 353 7.91 -23.55 2.03
N ALA A 354 7.95 -23.16 0.76
CA ALA A 354 7.29 -23.96 -0.26
C ALA A 354 7.82 -25.39 -0.31
N GLU A 355 9.13 -25.55 -0.13
CA GLU A 355 9.72 -26.89 -0.13
C GLU A 355 9.22 -27.71 1.04
N PHE A 356 9.19 -27.12 2.23
CA PHE A 356 8.74 -27.85 3.41
C PHE A 356 7.30 -28.33 3.28
N PHE A 357 6.39 -27.42 2.91
CA PHE A 357 4.97 -27.79 2.85
C PHE A 357 4.60 -28.47 1.54
N GLY A 358 5.45 -28.39 0.52
CA GLY A 358 5.13 -28.98 -0.76
C GLY A 358 4.04 -28.24 -1.50
N LYS A 359 3.88 -26.95 -1.22
CA LYS A 359 2.92 -26.16 -1.97
C LYS A 359 3.32 -24.70 -1.88
N GLU A 360 2.90 -23.92 -2.89
CA GLU A 360 3.26 -22.53 -2.90
C GLU A 360 2.40 -21.74 -1.91
N PRO A 361 2.99 -20.85 -1.12
CA PRO A 361 2.17 -20.00 -0.24
C PRO A 361 1.15 -19.21 -1.03
N ARG A 362 0.02 -18.92 -0.39
CA ARG A 362 -1.04 -18.20 -1.07
C ARG A 362 -0.56 -16.78 -1.34
N LYS A 363 -0.79 -16.29 -2.55
CA LYS A 363 -0.25 -15.00 -2.95
C LYS A 363 -1.23 -13.85 -2.76
N ASP A 364 -2.48 -14.12 -2.43
CA ASP A 364 -3.47 -13.07 -2.23
C ASP A 364 -3.56 -12.56 -0.78
N VAL A 365 -2.59 -12.90 0.07
CA VAL A 365 -2.50 -12.38 1.43
C VAL A 365 -1.32 -11.41 1.48
N ASN A 366 -1.59 -10.18 1.91
CA ASN A 366 -0.55 -9.16 1.97
C ASN A 366 0.26 -9.33 3.25
N PRO A 367 1.55 -9.63 3.18
CA PRO A 367 2.28 -9.96 4.43
C PRO A 367 2.49 -8.79 5.33
N ASP A 368 2.36 -7.55 4.83
CA ASP A 368 2.57 -6.37 5.65
C ASP A 368 1.28 -5.86 6.28
N GLU A 369 0.12 -6.27 5.77
CA GLU A 369 -1.16 -5.69 6.16
C GLU A 369 -2.15 -6.69 6.74
N ALA A 370 -1.91 -7.99 6.60
CA ALA A 370 -2.91 -8.99 6.98
C ALA A 370 -3.23 -8.92 8.47
N VAL A 371 -2.23 -8.64 9.31
CA VAL A 371 -2.49 -8.63 10.75
C VAL A 371 -3.46 -7.48 11.10
N ALA A 372 -3.19 -6.29 10.59
CA ALA A 372 -4.06 -5.15 10.83
C ALA A 372 -5.45 -5.41 10.27
N ILE A 373 -5.51 -5.97 9.06
CA ILE A 373 -6.80 -6.31 8.46
C ILE A 373 -7.59 -7.24 9.39
N GLY A 374 -6.93 -8.30 9.87
CA GLY A 374 -7.62 -9.24 10.75
C GLY A 374 -8.07 -8.60 12.05
N ALA A 375 -7.26 -7.70 12.60
CA ALA A 375 -7.70 -7.00 13.79
C ALA A 375 -8.96 -6.20 13.49
N ALA A 376 -9.03 -5.58 12.31
CA ALA A 376 -10.25 -4.86 11.93
C ALA A 376 -11.43 -5.80 11.77
N VAL A 377 -11.21 -7.00 11.23
CA VAL A 377 -12.27 -8.01 11.13
C VAL A 377 -12.83 -8.31 12.51
N GLN A 378 -11.94 -8.57 13.47
CA GLN A 378 -12.37 -8.82 14.84
C GLN A 378 -13.19 -7.63 15.37
N GLY A 379 -12.78 -6.41 15.03
CA GLY A 379 -13.58 -5.25 15.40
C GLY A 379 -14.96 -5.31 14.80
N GLY A 380 -15.05 -5.72 13.53
CA GLY A 380 -16.34 -5.87 12.87
C GLY A 380 -17.20 -6.95 13.49
N VAL A 381 -16.58 -8.03 13.99
CA VAL A 381 -17.34 -9.03 14.73
C VAL A 381 -17.95 -8.42 15.97
N LEU A 382 -17.21 -7.56 16.66
CA LEU A 382 -17.71 -7.00 17.92
C LEU A 382 -18.85 -6.01 17.68
N THR A 383 -18.83 -5.26 16.57
CA THR A 383 -19.91 -4.32 16.28
C THR A 383 -21.11 -4.96 15.59
N GLY A 384 -21.00 -6.21 15.15
CA GLY A 384 -22.00 -6.83 14.32
C GLY A 384 -21.88 -6.55 12.84
N ASP A 385 -20.88 -5.77 12.43
CA ASP A 385 -20.68 -5.51 11.01
C ASP A 385 -20.23 -6.78 10.27
N VAL A 386 -19.54 -7.68 10.95
CA VAL A 386 -19.13 -8.96 10.39
C VAL A 386 -19.95 -10.04 11.07
N LYS A 387 -20.69 -10.80 10.28
CA LYS A 387 -21.59 -11.80 10.84
C LYS A 387 -21.01 -13.19 10.61
N ASP A 388 -21.48 -14.14 11.40
CA ASP A 388 -21.20 -15.55 11.16
C ASP A 388 -19.70 -15.85 11.23
N VAL A 389 -18.98 -15.15 12.12
CA VAL A 389 -17.57 -15.41 12.37
C VAL A 389 -17.36 -15.56 13.88
N LEU A 390 -16.68 -16.63 14.27
CA LEU A 390 -16.44 -16.94 15.68
C LEU A 390 -14.97 -17.30 15.87
N LEU A 391 -14.28 -16.58 16.75
CA LEU A 391 -12.99 -17.02 17.25
C LEU A 391 -13.24 -18.06 18.33
N LEU A 392 -12.75 -19.27 18.10
CA LEU A 392 -13.02 -20.40 18.95
C LEU A 392 -11.81 -20.68 19.83
N ASP A 393 -11.99 -20.56 21.13
CA ASP A 393 -10.93 -20.85 22.10
C ASP A 393 -11.61 -21.55 23.27
N VAL A 394 -11.43 -22.88 23.37
CA VAL A 394 -12.10 -23.66 24.39
C VAL A 394 -11.09 -24.60 25.03
N THR A 395 -11.38 -24.99 26.26
CA THR A 395 -10.51 -25.95 26.93
C THR A 395 -10.64 -27.31 26.26
N PRO A 396 -9.53 -28.00 25.98
CA PRO A 396 -9.61 -29.32 25.34
C PRO A 396 -9.99 -30.45 26.29
N LEU A 397 -9.63 -30.31 27.56
CA LEU A 397 -9.79 -31.36 28.57
C LEU A 397 -10.21 -30.73 29.89
N SER A 398 -10.89 -31.52 30.71
CA SER A 398 -11.29 -31.04 32.03
C SER A 398 -10.07 -30.70 32.87
N LEU A 399 -10.23 -29.70 33.74
CA LEU A 399 -9.18 -29.23 34.64
C LEU A 399 -9.74 -29.24 36.07
N GLY A 400 -8.92 -29.69 37.02
CA GLY A 400 -9.38 -29.77 38.38
C GLY A 400 -8.24 -30.05 39.36
N ILE A 401 -8.62 -30.52 40.55
CA ILE A 401 -7.65 -30.82 41.59
C ILE A 401 -7.92 -32.19 42.17
N GLU A 402 -6.91 -32.75 42.81
CA GLU A 402 -7.05 -34.03 43.49
C GLU A 402 -7.69 -33.81 44.87
N THR A 403 -8.70 -34.60 45.18
CA THR A 403 -9.35 -34.59 46.49
C THR A 403 -9.25 -35.97 47.12
N MET A 404 -9.71 -36.06 48.36
CA MET A 404 -9.53 -37.25 49.19
C MET A 404 -9.95 -38.51 48.44
N GLY A 405 -9.13 -39.56 48.57
CA GLY A 405 -9.40 -40.82 47.90
C GLY A 405 -8.76 -40.94 46.53
N GLY A 406 -7.91 -40.00 46.14
CA GLY A 406 -7.30 -40.06 44.82
C GLY A 406 -8.27 -39.75 43.70
N VAL A 407 -9.23 -38.83 43.95
CA VAL A 407 -10.27 -38.46 43.00
C VAL A 407 -9.87 -37.17 42.31
N MET A 408 -10.15 -37.09 41.00
CA MET A 408 -10.04 -35.81 40.29
C MET A 408 -11.39 -35.09 40.40
N THR A 409 -11.37 -33.90 41.02
CA THR A 409 -12.55 -33.06 41.12
C THR A 409 -12.43 -31.93 40.10
N THR A 410 -13.40 -31.85 39.19
CA THR A 410 -13.30 -30.91 38.09
C THR A 410 -13.74 -29.51 38.52
N LEU A 411 -12.90 -28.51 38.21
CA LEU A 411 -13.26 -27.09 38.38
C LEU A 411 -13.71 -26.45 37.07
N ILE A 412 -13.13 -26.86 35.94
CA ILE A 412 -13.52 -26.36 34.63
C ILE A 412 -13.74 -27.55 33.71
N ALA A 413 -14.96 -27.69 33.20
CA ALA A 413 -15.27 -28.80 32.32
C ALA A 413 -14.60 -28.64 30.96
N LYS A 414 -14.30 -29.77 30.33
CA LYS A 414 -13.83 -29.77 28.96
C LYS A 414 -14.76 -28.95 28.07
N ASN A 415 -14.17 -28.28 27.08
CA ASN A 415 -14.90 -27.51 26.06
C ASN A 415 -15.55 -26.25 26.64
N THR A 416 -14.98 -25.70 27.71
CA THR A 416 -15.43 -24.43 28.24
C THR A 416 -14.75 -23.29 27.49
N THR A 417 -15.53 -22.30 27.08
CA THR A 417 -14.98 -21.15 26.37
C THR A 417 -14.08 -20.33 27.28
N ILE A 418 -12.94 -19.92 26.72
CA ILE A 418 -11.92 -19.13 27.40
C ILE A 418 -12.04 -17.68 26.93
N PRO A 419 -11.88 -16.67 27.82
CA PRO A 419 -11.56 -16.78 29.25
C PRO A 419 -12.73 -17.26 30.10
N THR A 420 -12.41 -17.81 31.29
CA THR A 420 -13.42 -18.37 32.17
C THR A 420 -12.86 -18.37 33.60
N LYS A 421 -13.74 -18.42 34.58
CA LYS A 421 -13.31 -18.47 35.98
C LYS A 421 -14.32 -19.26 36.78
N HIS A 422 -13.84 -20.24 37.56
CA HIS A 422 -14.74 -21.02 38.40
C HIS A 422 -14.04 -21.30 39.72
N SER A 423 -14.84 -21.29 40.79
CA SER A 423 -14.36 -21.50 42.15
C SER A 423 -15.18 -22.58 42.82
N GLN A 424 -14.54 -23.25 43.76
CA GLN A 424 -15.22 -24.20 44.64
C GLN A 424 -14.51 -24.17 45.98
N VAL A 425 -15.29 -24.38 47.04
CA VAL A 425 -14.78 -24.38 48.40
C VAL A 425 -14.57 -25.84 48.83
N PHE A 426 -13.39 -26.13 49.36
CA PHE A 426 -13.00 -27.42 49.89
C PHE A 426 -12.67 -27.27 51.36
N SER A 427 -12.45 -28.40 52.04
CA SER A 427 -12.09 -28.35 53.46
C SER A 427 -11.01 -29.40 53.70
N THR A 428 -10.66 -29.56 54.97
CA THR A 428 -9.57 -30.43 55.38
C THR A 428 -10.08 -31.83 55.69
N ALA A 429 -9.20 -32.80 55.48
CA ALA A 429 -9.55 -34.20 55.71
C ALA A 429 -9.31 -34.66 57.14
N GLU A 430 -8.40 -34.02 57.86
CA GLU A 430 -8.04 -34.43 59.22
C GLU A 430 -8.26 -33.30 60.21
N ASP A 431 -8.59 -33.67 61.45
CA ASP A 431 -8.67 -32.69 62.52
C ASP A 431 -7.33 -31.98 62.66
N ASN A 432 -7.38 -30.66 62.83
CA ASN A 432 -6.20 -29.83 63.09
C ASN A 432 -5.19 -29.87 61.95
N GLN A 433 -5.64 -30.17 60.74
CA GLN A 433 -4.78 -30.12 59.57
C GLN A 433 -4.34 -28.68 59.33
N SER A 434 -3.02 -28.48 59.20
CA SER A 434 -2.46 -27.13 59.12
C SER A 434 -2.16 -26.69 57.70
N ALA A 435 -2.22 -27.59 56.73
CA ALA A 435 -1.91 -27.28 55.35
C ALA A 435 -2.68 -28.20 54.42
N VAL A 436 -2.87 -27.75 53.18
CA VAL A 436 -3.40 -28.58 52.11
C VAL A 436 -2.48 -28.48 50.92
N THR A 437 -2.50 -29.52 50.08
CA THR A 437 -1.74 -29.58 48.81
C THR A 437 -2.72 -29.49 47.66
N ILE A 438 -2.58 -28.47 46.84
CA ILE A 438 -3.39 -28.27 45.64
C ILE A 438 -2.62 -28.90 44.49
N HIS A 439 -3.12 -30.03 44.00
CA HIS A 439 -2.51 -30.79 42.90
C HIS A 439 -3.39 -30.57 41.67
N VAL A 440 -2.89 -29.80 40.71
CA VAL A 440 -3.69 -29.44 39.55
C VAL A 440 -3.58 -30.54 38.50
N LEU A 441 -4.71 -30.94 37.93
CA LEU A 441 -4.80 -32.11 37.07
C LEU A 441 -5.56 -31.76 35.80
N GLN A 442 -5.20 -32.44 34.71
CA GLN A 442 -5.86 -32.28 33.42
C GLN A 442 -6.22 -33.66 32.87
N GLY A 443 -7.47 -33.86 32.53
CA GLY A 443 -7.90 -35.10 31.92
C GLY A 443 -9.34 -35.43 32.28
N GLU A 444 -9.82 -36.54 31.71
CA GLU A 444 -11.22 -36.93 31.81
C GLU A 444 -11.48 -38.11 32.73
N ARG A 445 -10.48 -38.68 33.37
CA ARG A 445 -10.67 -39.82 34.24
C ARG A 445 -11.00 -39.36 35.65
N LYS A 446 -11.70 -40.20 36.41
CA LYS A 446 -12.06 -39.85 37.77
C LYS A 446 -10.97 -40.20 38.77
N ARG A 447 -10.05 -41.10 38.41
CA ARG A 447 -8.88 -41.36 39.23
C ARG A 447 -7.81 -40.30 38.94
N ALA A 448 -7.41 -39.57 39.97
CA ALA A 448 -6.44 -38.50 39.79
C ALA A 448 -5.16 -39.03 39.14
N ALA A 449 -4.76 -40.25 39.49
CA ALA A 449 -3.52 -40.83 38.98
C ALA A 449 -3.59 -41.16 37.49
N ASP A 450 -4.78 -41.18 36.91
CA ASP A 450 -4.92 -41.42 35.48
C ASP A 450 -4.93 -40.15 34.65
N ASN A 451 -4.81 -38.98 35.26
CA ASN A 451 -4.82 -37.71 34.55
C ASN A 451 -3.41 -37.11 34.60
N LYS A 452 -3.22 -36.05 33.83
CA LYS A 452 -1.91 -35.41 33.74
C LYS A 452 -1.77 -34.36 34.84
N SER A 453 -0.66 -34.40 35.56
CA SER A 453 -0.36 -33.41 36.59
C SER A 453 0.20 -32.14 35.96
N LEU A 454 -0.41 -30.99 36.26
CA LEU A 454 0.02 -29.70 35.72
C LEU A 454 0.83 -28.85 36.70
N GLY A 455 0.98 -29.29 37.93
CA GLY A 455 1.70 -28.52 38.91
C GLY A 455 1.00 -28.67 40.24
N GLN A 456 1.66 -28.21 41.29
CA GLN A 456 1.09 -28.33 42.62
C GLN A 456 1.72 -27.29 43.54
N PHE A 457 0.98 -26.92 44.57
CA PHE A 457 1.47 -26.00 45.57
C PHE A 457 0.71 -26.25 46.86
N ASN A 458 1.27 -25.75 47.94
CA ASN A 458 0.71 -25.91 49.27
C ASN A 458 0.11 -24.61 49.77
N LEU A 459 -0.92 -24.73 50.58
CA LEU A 459 -1.44 -23.62 51.37
C LEU A 459 -1.35 -24.05 52.83
N ASP A 460 -0.57 -23.33 53.62
CA ASP A 460 -0.42 -23.64 55.03
C ASP A 460 -1.00 -22.51 55.89
N GLY A 461 -0.76 -22.61 57.20
CA GLY A 461 -1.28 -21.62 58.11
C GLY A 461 -2.74 -21.83 58.47
N ILE A 462 -3.29 -23.01 58.23
CA ILE A 462 -4.67 -23.26 58.58
C ILE A 462 -4.81 -23.37 60.09
N ASN A 463 -5.75 -22.63 60.66
CA ASN A 463 -5.92 -22.60 62.10
C ASN A 463 -6.52 -23.92 62.60
N PRO A 464 -6.14 -24.36 63.79
CA PRO A 464 -6.67 -25.63 64.31
C PRO A 464 -8.19 -25.64 64.32
N ALA A 465 -8.76 -26.69 63.75
CA ALA A 465 -10.20 -26.87 63.66
C ALA A 465 -10.48 -28.30 63.27
N PRO A 466 -11.69 -28.78 63.52
CA PRO A 466 -12.03 -30.16 63.14
C PRO A 466 -12.09 -30.32 61.64
N ARG A 467 -11.93 -31.57 61.21
CA ARG A 467 -12.01 -31.87 59.79
C ARG A 467 -13.32 -31.33 59.24
N GLY A 468 -13.25 -30.73 58.05
CA GLY A 468 -14.43 -30.23 57.37
C GLY A 468 -14.85 -28.82 57.73
N MET A 469 -14.24 -28.19 58.73
CA MET A 469 -14.66 -26.85 59.13
C MET A 469 -13.93 -25.77 58.32
N PRO A 470 -12.61 -25.87 58.13
CA PRO A 470 -11.91 -24.83 57.36
C PRO A 470 -12.49 -24.69 55.97
N GLN A 471 -12.48 -23.45 55.46
CA GLN A 471 -13.06 -23.13 54.16
C GLN A 471 -11.93 -22.65 53.26
N ILE A 472 -11.56 -23.51 52.30
CA ILE A 472 -10.46 -23.25 51.38
C ILE A 472 -11.09 -23.00 50.03
N GLU A 473 -11.12 -21.76 49.58
CA GLU A 473 -11.68 -21.45 48.26
C GLU A 473 -10.60 -21.63 47.21
N VAL A 474 -10.85 -22.55 46.28
CA VAL A 474 -9.97 -22.81 45.14
C VAL A 474 -10.61 -22.23 43.89
N THR A 475 -9.84 -21.40 43.19
CA THR A 475 -10.30 -20.70 42.00
C THR A 475 -9.41 -21.06 40.82
N PHE A 476 -10.03 -21.46 39.71
CA PHE A 476 -9.36 -21.62 38.41
C PHE A 476 -9.80 -20.49 37.50
N ASP A 477 -8.85 -19.72 37.00
CA ASP A 477 -9.12 -18.64 36.05
C ASP A 477 -8.20 -18.80 34.84
N ILE A 478 -8.77 -18.95 33.65
CA ILE A 478 -8.01 -18.99 32.41
C ILE A 478 -8.21 -17.66 31.71
N ASP A 479 -7.14 -16.89 31.55
CA ASP A 479 -7.30 -15.57 30.99
C ASP A 479 -7.31 -15.65 29.46
N ALA A 480 -7.45 -14.48 28.81
CA ALA A 480 -7.55 -14.43 27.36
C ALA A 480 -6.28 -14.93 26.68
N ASP A 481 -5.14 -14.87 27.35
CA ASP A 481 -3.90 -15.44 26.83
C ASP A 481 -3.83 -16.96 27.00
N GLY A 482 -4.89 -17.60 27.54
CA GLY A 482 -4.90 -19.04 27.71
C GLY A 482 -4.12 -19.52 28.92
N ILE A 483 -3.66 -18.62 29.76
CA ILE A 483 -2.85 -18.96 30.91
C ILE A 483 -3.80 -19.26 32.08
N LEU A 484 -3.53 -20.37 32.74
CA LEU A 484 -4.36 -20.87 33.83
C LEU A 484 -3.79 -20.35 35.14
N HIS A 485 -4.61 -19.64 35.90
CA HIS A 485 -4.26 -19.14 37.23
C HIS A 485 -5.05 -19.91 38.27
N VAL A 486 -4.35 -20.61 39.16
CA VAL A 486 -4.98 -21.36 40.23
C VAL A 486 -4.61 -20.71 41.56
N SER A 487 -5.61 -20.44 42.39
CA SER A 487 -5.40 -19.90 43.72
C SER A 487 -6.17 -20.72 44.74
N ALA A 488 -5.64 -20.72 45.96
CA ALA A 488 -6.31 -21.33 47.09
C ALA A 488 -6.24 -20.31 48.22
N LYS A 489 -7.40 -20.04 48.84
CA LYS A 489 -7.51 -19.01 49.87
C LYS A 489 -8.23 -19.57 51.09
N ASP A 490 -7.62 -19.40 52.25
CA ASP A 490 -8.24 -19.75 53.52
C ASP A 490 -9.10 -18.57 53.93
N LYS A 491 -10.42 -18.75 53.83
CA LYS A 491 -11.31 -17.61 54.00
C LYS A 491 -11.28 -17.06 55.43
N ASN A 492 -10.95 -17.90 56.41
CA ASN A 492 -10.98 -17.48 57.80
C ASN A 492 -9.66 -16.89 58.28
N SER A 493 -8.55 -17.24 57.65
CA SER A 493 -7.26 -16.66 58.01
C SER A 493 -6.81 -15.58 57.04
N GLY A 494 -7.42 -15.53 55.86
CA GLY A 494 -7.02 -14.63 54.82
C GLY A 494 -5.84 -15.08 53.97
N LYS A 495 -5.13 -16.14 54.35
CA LYS A 495 -3.93 -16.51 53.62
C LYS A 495 -4.29 -17.07 52.25
N GLU A 496 -3.45 -16.78 51.27
CA GLU A 496 -3.65 -17.24 49.92
C GLU A 496 -2.30 -17.59 49.31
N GLN A 497 -2.31 -18.62 48.46
CA GLN A 497 -1.17 -18.98 47.63
C GLN A 497 -1.69 -19.23 46.22
N LYS A 498 -0.83 -19.09 45.23
CA LYS A 498 -1.30 -19.25 43.85
C LYS A 498 -0.15 -19.67 42.95
N ILE A 499 -0.53 -20.25 41.80
CA ILE A 499 0.44 -20.57 40.76
C ILE A 499 -0.16 -20.20 39.41
N THR A 500 0.73 -20.10 38.43
CA THR A 500 0.42 -19.81 37.05
C THR A 500 0.88 -20.99 36.20
N ILE A 501 0.04 -21.41 35.26
CA ILE A 501 0.31 -22.57 34.41
C ILE A 501 0.19 -22.11 32.96
N LYS A 502 1.26 -22.29 32.20
CA LYS A 502 1.28 -21.79 30.82
C LYS A 502 0.29 -22.56 29.94
N ALA A 503 -0.10 -21.91 28.85
CA ALA A 503 -0.94 -22.57 27.87
C ALA A 503 -0.13 -23.66 27.17
N SER A 504 -0.82 -24.71 26.75
N SER A 504 -0.81 -24.72 26.77
CA SER A 504 -0.18 -25.76 25.97
CA SER A 504 -0.15 -25.76 25.99
C SER A 504 0.24 -25.20 24.61
C SER A 504 0.25 -25.19 24.63
N SER A 505 1.33 -25.73 24.08
CA SER A 505 1.82 -25.28 22.78
C SER A 505 0.92 -25.75 21.64
N GLY A 506 0.07 -26.73 21.88
CA GLY A 506 -0.81 -27.17 20.82
C GLY A 506 -2.01 -27.91 21.36
N LEU A 507 -2.93 -28.16 20.43
CA LEU A 507 -4.15 -28.89 20.70
C LEU A 507 -4.17 -30.07 19.71
N ASN A 508 -3.88 -31.29 20.20
CA ASN A 508 -3.76 -32.48 19.35
C ASN A 508 -5.11 -33.21 19.41
N GLU A 509 -5.98 -32.89 18.45
CA GLU A 509 -7.33 -33.45 18.45
C GLU A 509 -7.32 -34.95 18.29
N ASP A 510 -6.37 -35.50 17.52
CA ASP A 510 -6.27 -36.94 17.40
C ASP A 510 -6.12 -37.57 18.80
N GLU A 511 -5.19 -37.06 19.58
CA GLU A 511 -4.93 -37.63 20.91
C GLU A 511 -6.01 -37.25 21.92
N ILE A 512 -6.53 -36.02 21.83
CA ILE A 512 -7.63 -35.61 22.72
C ILE A 512 -8.81 -36.54 22.57
N GLN A 513 -9.18 -36.84 21.32
CA GLN A 513 -10.35 -37.69 21.12
C GLN A 513 -10.10 -39.12 21.58
N LYS A 514 -8.85 -39.60 21.46
CA LYS A 514 -8.52 -40.90 22.06
C LYS A 514 -8.75 -40.86 23.57
N MET A 515 -8.32 -39.79 24.23
CA MET A 515 -8.49 -39.69 25.67
CA MET A 515 -8.50 -39.70 25.67
C MET A 515 -9.97 -39.64 26.04
N VAL A 516 -10.77 -38.91 25.27
CA VAL A 516 -12.21 -38.88 25.49
C VAL A 516 -12.82 -40.27 25.34
N ARG A 517 -12.46 -40.99 24.27
CA ARG A 517 -13.01 -42.35 24.09
C ARG A 517 -12.53 -43.28 25.21
N ASP A 518 -11.27 -43.13 25.63
CA ASP A 518 -10.78 -43.88 26.77
C ASP A 518 -11.63 -43.65 28.00
N ALA A 519 -11.97 -42.39 28.27
CA ALA A 519 -12.77 -42.10 29.45
C ALA A 519 -14.17 -42.67 29.33
N GLU A 520 -14.76 -42.57 28.14
CA GLU A 520 -16.09 -43.13 27.93
C GLU A 520 -16.08 -44.65 28.10
N ALA A 521 -15.02 -45.30 27.63
CA ALA A 521 -14.90 -46.75 27.77
C ALA A 521 -14.77 -47.15 29.22
N ASN A 522 -14.28 -46.24 30.07
CA ASN A 522 -14.06 -46.54 31.49
C ASN A 522 -15.06 -45.80 32.38
N ALA A 523 -16.16 -45.33 31.81
CA ALA A 523 -17.05 -44.46 32.57
C ALA A 523 -17.67 -45.19 33.77
N GLU A 524 -18.17 -46.40 33.57
CA GLU A 524 -18.85 -47.08 34.68
C GLU A 524 -17.86 -47.47 35.77
N ALA A 525 -16.67 -47.92 35.38
CA ALA A 525 -15.64 -48.24 36.37
C ALA A 525 -15.20 -47.01 37.15
N ASP A 526 -15.08 -45.86 36.47
CA ASP A 526 -14.71 -44.64 37.18
C ASP A 526 -15.81 -44.21 38.13
N ARG A 527 -17.08 -44.39 37.75
CA ARG A 527 -18.17 -44.04 38.64
C ARG A 527 -18.14 -44.87 39.91
N LYS A 528 -18.06 -46.19 39.77
CA LYS A 528 -18.05 -47.03 40.97
C LYS A 528 -16.89 -46.66 41.87
N PHE A 529 -15.72 -46.35 41.28
CA PHE A 529 -14.59 -45.91 42.08
C PHE A 529 -14.92 -44.64 42.84
N GLU A 530 -15.50 -43.66 42.16
CA GLU A 530 -15.78 -42.40 42.83
C GLU A 530 -16.87 -42.57 43.89
N GLU A 531 -17.78 -43.53 43.69
CA GLU A 531 -18.95 -43.61 44.54
C GLU A 531 -18.59 -44.10 45.94
N LEU A 532 -17.80 -45.17 46.04
CA LEU A 532 -17.43 -45.63 47.36
C LEU A 532 -16.33 -44.82 48.01
N VAL A 533 -15.63 -43.95 47.26
CA VAL A 533 -14.81 -42.94 47.93
C VAL A 533 -15.72 -41.90 48.56
N GLN A 534 -16.84 -41.61 47.90
CA GLN A 534 -17.83 -40.65 48.38
C GLN A 534 -18.51 -41.13 49.66
N THR A 535 -18.54 -42.44 49.92
CA THR A 535 -19.17 -42.96 51.13
C THR A 535 -18.35 -42.69 52.39
N ARG A 536 -17.13 -42.20 52.26
CA ARG A 536 -16.31 -41.86 53.41
C ARG A 536 -16.75 -40.53 54.01
N ARG A 547 -19.18 -31.03 51.15
CA ARG A 547 -17.91 -30.34 50.91
C ARG A 547 -16.75 -31.33 50.77
N LEU A 548 -16.04 -31.25 49.65
CA LEU A 548 -14.99 -32.19 49.36
C LEU A 548 -13.74 -31.81 50.13
N LEU A 549 -12.91 -32.80 50.40
CA LEU A 549 -11.83 -32.67 51.37
C LEU A 549 -10.48 -32.87 50.70
N LEU A 550 -9.48 -32.18 51.26
CA LEU A 550 -8.10 -32.21 50.78
C LEU A 550 -7.20 -32.80 51.86
N THR A 551 -6.30 -33.67 51.44
CA THR A 551 -5.30 -34.19 52.34
C THR A 551 -4.12 -33.23 52.42
N GLY A 552 -3.21 -33.52 53.35
CA GLY A 552 -2.07 -32.66 53.64
C GLY A 552 -1.42 -32.02 52.44
N GLY B 2 -4.24 -14.08 -21.60
CA GLY B 2 -5.17 -14.37 -20.53
C GLY B 2 -5.45 -13.16 -19.65
N LYS B 3 -4.57 -12.91 -18.69
CA LYS B 3 -4.73 -11.81 -17.75
C LYS B 3 -4.34 -10.49 -18.40
N ILE B 4 -5.03 -9.42 -18.00
CA ILE B 4 -4.72 -8.08 -18.49
C ILE B 4 -4.45 -7.20 -17.28
N ILE B 5 -3.23 -6.72 -17.18
CA ILE B 5 -2.83 -5.89 -16.05
C ILE B 5 -3.07 -4.42 -16.40
N GLY B 6 -3.31 -3.61 -15.38
CA GLY B 6 -3.46 -2.18 -15.54
C GLY B 6 -2.23 -1.46 -15.02
N ILE B 7 -1.66 -0.58 -15.85
CA ILE B 7 -0.43 0.12 -15.48
C ILE B 7 -0.62 1.63 -15.58
N ASP B 8 -0.38 2.31 -14.47
CA ASP B 8 -0.24 3.76 -14.39
C ASP B 8 1.26 4.07 -14.54
N LEU B 9 1.64 4.60 -15.70
CA LEU B 9 3.02 4.99 -15.97
C LEU B 9 3.14 6.50 -15.68
N GLY B 10 3.61 6.83 -14.48
CA GLY B 10 3.62 8.20 -14.03
C GLY B 10 4.93 8.91 -14.28
N THR B 11 4.84 10.25 -14.28
CA THR B 11 6.05 11.06 -14.37
C THR B 11 7.01 10.70 -13.25
N THR B 12 6.48 10.54 -12.05
CA THR B 12 7.26 10.33 -10.83
C THR B 12 7.23 8.88 -10.37
N ASN B 13 6.05 8.27 -10.32
CA ASN B 13 5.84 6.95 -9.78
C ASN B 13 4.95 6.15 -10.71
N SER B 14 5.16 4.85 -10.74
CA SER B 14 4.33 3.94 -11.49
C SER B 14 3.72 2.89 -10.56
N CYS B 15 2.61 2.31 -11.02
CA CYS B 15 1.78 1.43 -10.19
C CYS B 15 1.11 0.40 -11.08
N VAL B 16 1.02 -0.85 -10.61
CA VAL B 16 0.40 -1.91 -11.41
C VAL B 16 -0.68 -2.61 -10.59
N ALA B 17 -1.80 -2.92 -11.23
CA ALA B 17 -2.93 -3.54 -10.57
C ALA B 17 -3.56 -4.59 -11.49
N ILE B 18 -4.39 -5.46 -10.90
CA ILE B 18 -5.06 -6.50 -11.66
C ILE B 18 -6.40 -6.79 -10.99
N MET B 19 -7.37 -7.23 -11.80
CA MET B 19 -8.64 -7.69 -11.26
C MET B 19 -8.48 -9.10 -10.72
N ASP B 20 -8.86 -9.28 -9.46
CA ASP B 20 -8.98 -10.61 -8.85
C ASP B 20 -10.48 -10.82 -8.70
N GLY B 21 -11.10 -11.31 -9.78
CA GLY B 21 -12.54 -11.42 -9.83
C GLY B 21 -13.21 -10.07 -9.78
N THR B 22 -13.97 -9.83 -8.71
CA THR B 22 -14.75 -8.61 -8.60
C THR B 22 -13.93 -7.44 -8.06
N THR B 23 -12.84 -7.70 -7.35
CA THR B 23 -12.13 -6.64 -6.67
C THR B 23 -10.76 -6.40 -7.30
N PRO B 24 -10.39 -5.14 -7.55
CA PRO B 24 -9.06 -4.86 -8.06
C PRO B 24 -8.01 -4.99 -6.96
N ARG B 25 -6.81 -5.38 -7.37
CA ARG B 25 -5.69 -5.61 -6.47
C ARG B 25 -4.48 -4.84 -6.97
N VAL B 26 -3.97 -3.94 -6.14
CA VAL B 26 -2.70 -3.27 -6.41
C VAL B 26 -1.56 -4.19 -5.97
N LEU B 27 -0.60 -4.42 -6.85
CA LEU B 27 0.43 -5.43 -6.62
C LEU B 27 1.71 -4.80 -6.09
N GLU B 28 2.32 -5.46 -5.11
CA GLU B 28 3.56 -4.96 -4.55
C GLU B 28 4.76 -5.52 -5.31
N ASN B 29 5.78 -4.68 -5.52
CA ASN B 29 6.99 -5.21 -6.11
C ASN B 29 7.75 -6.02 -5.07
N ALA B 30 8.90 -6.53 -5.49
CA ALA B 30 9.66 -7.46 -4.67
C ALA B 30 10.19 -6.82 -3.41
N GLU B 31 10.37 -5.50 -3.41
CA GLU B 31 10.78 -4.83 -2.18
C GLU B 31 9.61 -4.64 -1.22
N GLY B 32 8.39 -4.88 -1.67
CA GLY B 32 7.20 -4.66 -0.89
C GLY B 32 6.47 -3.36 -1.16
N ASP B 33 6.83 -2.62 -2.19
CA ASP B 33 6.28 -1.28 -2.42
C ASP B 33 5.15 -1.31 -3.44
N ARG B 34 4.06 -0.60 -3.13
CA ARG B 34 2.90 -0.55 -4.01
C ARG B 34 3.08 0.41 -5.19
N THR B 35 4.08 1.28 -5.13
CA THR B 35 4.48 2.09 -6.27
C THR B 35 5.98 1.96 -6.47
N THR B 36 6.40 2.21 -7.71
CA THR B 36 7.78 2.12 -8.13
C THR B 36 8.19 3.46 -8.73
N PRO B 37 9.27 4.09 -8.26
CA PRO B 37 9.73 5.34 -8.89
C PRO B 37 10.04 5.13 -10.37
N SER B 38 9.62 6.09 -11.18
CA SER B 38 9.85 6.08 -12.63
C SER B 38 11.25 6.63 -12.92
N ILE B 39 12.25 5.87 -12.48
CA ILE B 39 13.66 6.29 -12.55
C ILE B 39 14.45 5.12 -13.10
N ILE B 40 15.36 5.41 -14.05
CA ILE B 40 16.17 4.41 -14.74
C ILE B 40 17.63 4.88 -14.67
N ALA B 41 18.54 3.99 -14.26
CA ALA B 41 19.94 4.38 -14.08
C ALA B 41 20.86 3.38 -14.74
N TYR B 42 21.96 3.88 -15.28
CA TYR B 42 22.97 3.05 -15.93
C TYR B 42 24.26 3.21 -15.14
N THR B 43 24.71 2.13 -14.52
CA THR B 43 25.81 2.18 -13.57
C THR B 43 27.15 1.90 -14.26
N GLN B 44 28.23 2.27 -13.58
CA GLN B 44 29.57 2.06 -14.12
C GLN B 44 29.84 0.59 -14.43
N ASP B 45 29.28 -0.33 -13.65
CA ASP B 45 29.57 -1.75 -13.83
C ASP B 45 28.58 -2.44 -14.76
N GLY B 46 27.75 -1.69 -15.49
CA GLY B 46 26.96 -2.29 -16.55
C GLY B 46 25.54 -2.64 -16.17
N GLU B 47 25.10 -2.25 -14.98
CA GLU B 47 23.74 -2.56 -14.57
C GLU B 47 22.77 -1.52 -15.11
N THR B 48 21.53 -1.93 -15.31
CA THR B 48 20.42 -1.05 -15.59
C THR B 48 19.53 -1.13 -14.36
N LEU B 49 19.47 -0.06 -13.59
CA LEU B 49 18.66 -0.03 -12.39
C LEU B 49 17.33 0.63 -12.71
N VAL B 50 16.28 0.15 -12.03
CA VAL B 50 14.94 0.70 -12.24
C VAL B 50 14.25 0.82 -10.90
N GLY B 51 13.64 1.98 -10.64
CA GLY B 51 12.87 2.13 -9.43
C GLY B 51 13.69 2.58 -8.23
N GLN B 52 13.36 2.06 -7.05
CA GLN B 52 14.07 2.49 -5.85
C GLN B 52 15.57 2.27 -5.95
N PRO B 53 16.08 1.16 -6.50
CA PRO B 53 17.55 1.03 -6.64
C PRO B 53 18.16 2.20 -7.43
N ALA B 54 17.49 2.65 -8.50
CA ALA B 54 17.97 3.79 -9.27
C ALA B 54 17.87 5.08 -8.47
N LYS B 55 16.75 5.30 -7.80
CA LYS B 55 16.58 6.51 -7.01
C LYS B 55 17.69 6.63 -5.97
N ARG B 56 18.05 5.51 -5.36
CA ARG B 56 18.97 5.55 -4.24
C ARG B 56 20.38 5.99 -4.68
N GLN B 57 20.79 5.70 -5.91
CA GLN B 57 22.11 6.12 -6.38
C GLN B 57 22.06 7.37 -7.27
N ALA B 58 20.91 8.04 -7.36
CA ALA B 58 20.85 9.25 -8.19
C ALA B 58 21.83 10.31 -7.71
N VAL B 59 21.99 10.49 -6.39
CA VAL B 59 22.84 11.57 -5.88
C VAL B 59 24.30 11.40 -6.24
N THR B 60 24.75 10.16 -6.49
CA THR B 60 26.13 9.95 -6.87
C THR B 60 26.33 9.81 -8.38
N ASN B 61 25.25 9.71 -9.16
CA ASN B 61 25.36 9.37 -10.58
C ASN B 61 24.42 10.27 -11.38
N PRO B 62 24.60 11.59 -11.29
CA PRO B 62 23.63 12.52 -11.88
C PRO B 62 23.54 12.45 -13.39
N GLN B 63 24.65 12.14 -14.07
CA GLN B 63 24.67 12.15 -15.52
C GLN B 63 23.88 10.99 -16.11
N ASN B 64 23.86 9.85 -15.42
CA ASN B 64 23.39 8.61 -16.02
C ASN B 64 22.15 8.06 -15.32
N THR B 65 21.46 8.90 -14.55
CA THR B 65 20.21 8.53 -13.92
C THR B 65 19.08 9.33 -14.58
N LEU B 66 18.16 8.62 -15.21
CA LEU B 66 17.11 9.23 -16.01
C LEU B 66 15.83 9.28 -15.19
N PHE B 67 15.19 10.44 -15.17
CA PHE B 67 13.91 10.61 -14.49
C PHE B 67 13.09 11.62 -15.27
N ALA B 68 11.78 11.64 -14.99
CA ALA B 68 10.85 12.55 -15.67
C ALA B 68 10.90 12.41 -17.19
N ILE B 69 11.17 11.19 -17.68
CA ILE B 69 11.22 10.97 -19.12
C ILE B 69 9.85 11.15 -19.76
N LYS B 70 8.78 11.08 -18.96
CA LYS B 70 7.44 11.35 -19.46
C LYS B 70 7.29 12.77 -19.99
N ARG B 71 8.16 13.69 -19.57
CA ARG B 71 8.18 15.03 -20.13
C ARG B 71 8.73 15.08 -21.56
N LEU B 72 9.42 14.03 -22.01
CA LEU B 72 10.03 14.00 -23.32
C LEU B 72 9.32 13.06 -24.29
N ILE B 73 8.58 12.09 -23.78
CA ILE B 73 8.11 11.01 -24.62
C ILE B 73 7.17 11.57 -25.68
N GLY B 74 7.40 11.18 -26.93
CA GLY B 74 6.61 11.65 -28.06
C GLY B 74 6.80 13.10 -28.44
N ARG B 75 7.84 13.77 -27.93
CA ARG B 75 8.05 15.19 -28.19
C ARG B 75 9.24 15.42 -29.10
N ARG B 76 9.18 16.56 -29.80
CA ARG B 76 10.26 17.01 -30.67
C ARG B 76 11.29 17.78 -29.86
N PHE B 77 12.56 17.70 -30.30
CA PHE B 77 13.63 18.35 -29.55
C PHE B 77 13.43 19.86 -29.45
N GLN B 78 12.94 20.49 -30.52
CA GLN B 78 12.74 21.94 -30.48
C GLN B 78 11.42 22.34 -29.82
N ASP B 79 10.62 21.38 -29.36
CA ASP B 79 9.48 21.69 -28.52
C ASP B 79 9.95 22.57 -27.37
N GLU B 80 9.23 23.66 -27.12
CA GLU B 80 9.60 24.59 -26.05
C GLU B 80 9.75 23.87 -24.71
N GLU B 81 8.81 22.98 -24.40
CA GLU B 81 8.87 22.23 -23.15
C GLU B 81 10.18 21.45 -23.04
N VAL B 82 10.63 20.86 -24.16
CA VAL B 82 11.88 20.12 -24.15
C VAL B 82 13.06 21.06 -23.94
N GLN B 83 13.03 22.24 -24.56
CA GLN B 83 14.11 23.20 -24.36
C GLN B 83 14.17 23.66 -22.89
N ARG B 84 13.02 23.94 -22.28
CA ARG B 84 13.01 24.17 -20.85
C ARG B 84 13.61 22.99 -20.10
N ASP B 85 13.27 21.77 -20.53
CA ASP B 85 13.78 20.58 -19.84
C ASP B 85 15.29 20.42 -20.01
N VAL B 86 15.83 20.83 -21.17
CA VAL B 86 17.26 20.65 -21.42
C VAL B 86 18.08 21.35 -20.34
N SER B 87 17.65 22.54 -19.93
CA SER B 87 18.43 23.34 -18.99
C SER B 87 18.46 22.70 -17.60
N ILE B 88 17.32 22.23 -17.11
CA ILE B 88 17.23 21.80 -15.71
C ILE B 88 17.71 20.36 -15.50
N MET B 89 17.59 19.49 -16.50
CA MET B 89 17.91 18.07 -16.28
C MET B 89 19.42 17.85 -16.21
N PRO B 90 19.90 17.02 -15.28
CA PRO B 90 21.33 16.75 -15.18
C PRO B 90 21.86 15.75 -16.21
N PHE B 91 20.99 15.05 -16.93
CA PHE B 91 21.38 14.14 -18.00
C PHE B 91 21.23 14.83 -19.35
N LYS B 92 21.83 14.21 -20.36
CA LYS B 92 21.99 14.83 -21.67
C LYS B 92 20.74 14.55 -22.52
N ILE B 93 20.07 15.62 -22.95
CA ILE B 93 18.92 15.56 -23.84
C ILE B 93 19.39 16.03 -25.21
N ILE B 94 19.12 15.24 -26.25
CA ILE B 94 19.67 15.48 -27.58
C ILE B 94 18.57 15.39 -28.64
N ALA B 95 18.90 15.90 -29.83
CA ALA B 95 18.03 15.75 -30.99
C ALA B 95 18.40 14.48 -31.72
N ALA B 96 17.41 13.63 -31.96
CA ALA B 96 17.61 12.51 -32.87
C ALA B 96 17.72 13.03 -34.30
N ASP B 97 18.15 12.15 -35.20
CA ASP B 97 18.29 12.54 -36.61
C ASP B 97 16.97 13.01 -37.20
N ASN B 98 15.85 12.51 -36.69
CA ASN B 98 14.53 12.90 -37.18
C ASN B 98 13.96 14.10 -36.43
N GLY B 99 14.71 14.67 -35.48
CA GLY B 99 14.25 15.82 -34.73
C GLY B 99 13.54 15.51 -33.43
N ASP B 100 13.39 14.24 -33.08
CA ASP B 100 12.76 13.91 -31.80
C ASP B 100 13.72 14.15 -30.66
N ALA B 101 13.15 14.33 -29.48
CA ALA B 101 13.92 14.49 -28.25
C ALA B 101 14.32 13.13 -27.71
N TRP B 102 15.62 12.89 -27.64
CA TRP B 102 16.20 11.66 -27.14
C TRP B 102 17.09 11.99 -25.94
N VAL B 103 17.65 10.95 -25.33
CA VAL B 103 18.62 11.10 -24.25
C VAL B 103 19.88 10.37 -24.66
N GLU B 104 21.00 10.77 -24.06
CA GLU B 104 22.28 10.12 -24.30
C GLU B 104 22.93 9.84 -22.95
N VAL B 105 23.23 8.57 -22.70
CA VAL B 105 23.87 8.11 -21.48
C VAL B 105 25.06 7.26 -21.87
N LYS B 106 26.23 7.58 -21.32
CA LYS B 106 27.44 6.80 -21.58
C LYS B 106 27.64 6.59 -23.08
N GLY B 107 27.44 7.65 -23.85
CA GLY B 107 27.63 7.60 -25.29
C GLY B 107 26.55 6.89 -26.07
N GLN B 108 25.49 6.42 -25.41
CA GLN B 108 24.43 5.68 -26.08
C GLN B 108 23.20 6.56 -26.22
N LYS B 109 22.71 6.68 -27.44
CA LYS B 109 21.55 7.50 -27.73
C LYS B 109 20.30 6.63 -27.63
N MET B 110 19.34 7.08 -26.82
CA MET B 110 18.14 6.31 -26.54
C MET B 110 16.89 7.16 -26.69
N ALA B 111 15.85 6.55 -27.31
CA ALA B 111 14.55 7.19 -27.44
C ALA B 111 13.76 7.04 -26.14
N PRO B 112 12.94 8.04 -25.80
CA PRO B 112 12.21 8.01 -24.52
C PRO B 112 11.45 6.70 -24.31
N PRO B 113 10.78 6.17 -25.33
CA PRO B 113 10.04 4.92 -25.10
C PRO B 113 10.91 3.79 -24.65
N GLN B 114 12.15 3.75 -25.11
CA GLN B 114 13.09 2.70 -24.68
C GLN B 114 13.42 2.82 -23.20
N ILE B 115 13.46 4.04 -22.69
CA ILE B 115 13.72 4.27 -21.27
C ILE B 115 12.48 3.94 -20.44
N SER B 116 11.31 4.48 -20.82
CA SER B 116 10.08 4.17 -20.09
C SER B 116 9.75 2.68 -20.12
N ALA B 117 10.14 1.99 -21.19
CA ALA B 117 9.93 0.55 -21.26
C ALA B 117 10.59 -0.18 -20.10
N GLU B 118 11.72 0.32 -19.61
CA GLU B 118 12.38 -0.30 -18.47
C GLU B 118 11.51 -0.25 -17.22
N VAL B 119 10.77 0.85 -17.03
CA VAL B 119 9.84 0.91 -15.91
C VAL B 119 8.70 -0.07 -16.13
N LEU B 120 8.20 -0.15 -17.36
CA LEU B 120 7.10 -1.06 -17.66
C LEU B 120 7.52 -2.52 -17.51
N LYS B 121 8.76 -2.86 -17.84
CA LYS B 121 9.24 -4.24 -17.62
C LYS B 121 9.22 -4.62 -16.15
N LYS B 122 9.61 -3.69 -15.27
CA LYS B 122 9.54 -3.94 -13.83
C LYS B 122 8.10 -4.12 -13.37
N MET B 123 7.18 -3.31 -13.89
CA MET B 123 5.76 -3.49 -13.58
C MET B 123 5.29 -4.87 -14.02
N LYS B 124 5.71 -5.29 -15.21
CA LYS B 124 5.35 -6.60 -15.74
C LYS B 124 5.88 -7.71 -14.85
N LYS B 125 7.15 -7.59 -14.43
CA LYS B 125 7.73 -8.59 -13.54
C LYS B 125 6.98 -8.65 -12.22
N THR B 126 6.62 -7.48 -11.68
CA THR B 126 5.83 -7.45 -10.45
C THR B 126 4.54 -8.25 -10.60
N ALA B 127 3.85 -8.11 -11.73
CA ALA B 127 2.61 -8.86 -11.94
C ALA B 127 2.90 -10.35 -12.12
N GLU B 128 3.93 -10.69 -12.87
CA GLU B 128 4.29 -12.10 -13.09
C GLU B 128 4.65 -12.79 -11.78
N ASP B 129 5.34 -12.09 -10.89
CA ASP B 129 5.64 -12.67 -9.59
C ASP B 129 4.36 -12.98 -8.82
N TYR B 130 3.39 -12.07 -8.88
CA TYR B 130 2.12 -12.32 -8.18
C TYR B 130 1.35 -13.46 -8.81
N LEU B 131 1.22 -13.46 -10.13
CA LEU B 131 0.42 -14.46 -10.82
C LEU B 131 1.11 -15.80 -10.94
N GLY B 132 2.45 -15.83 -10.82
CA GLY B 132 3.19 -17.05 -11.00
C GLY B 132 3.27 -17.55 -12.42
N GLU B 133 2.91 -16.71 -13.38
CA GLU B 133 2.94 -17.04 -14.80
C GLU B 133 3.34 -15.79 -15.59
N PRO B 134 3.71 -15.96 -16.84
CA PRO B 134 4.00 -14.79 -17.67
C PRO B 134 2.76 -13.96 -17.94
N VAL B 135 2.99 -12.67 -18.13
CA VAL B 135 1.97 -11.67 -18.42
C VAL B 135 2.34 -11.02 -19.74
N THR B 136 1.35 -10.83 -20.62
CA THR B 136 1.62 -10.23 -21.91
C THR B 136 0.64 -9.15 -22.34
N GLU B 137 -0.49 -8.98 -21.66
CA GLU B 137 -1.50 -8.01 -22.03
C GLU B 137 -1.63 -6.93 -20.96
N ALA B 138 -1.78 -5.67 -21.39
CA ALA B 138 -1.83 -4.55 -20.47
C ALA B 138 -2.74 -3.45 -21.01
N VAL B 139 -3.39 -2.75 -20.09
CA VAL B 139 -3.98 -1.44 -20.33
C VAL B 139 -3.03 -0.43 -19.69
N ILE B 140 -2.55 0.55 -20.47
CA ILE B 140 -1.64 1.57 -19.97
C ILE B 140 -2.33 2.91 -20.04
N THR B 141 -2.13 3.75 -19.03
CA THR B 141 -2.82 5.03 -18.97
C THR B 141 -1.92 6.16 -19.46
N VAL B 142 -2.56 7.22 -19.93
CA VAL B 142 -1.86 8.44 -20.35
C VAL B 142 -2.63 9.66 -19.84
N PRO B 143 -1.95 10.78 -19.70
CA PRO B 143 -2.65 12.03 -19.35
C PRO B 143 -3.66 12.40 -20.41
N ALA B 144 -4.74 13.05 -19.97
CA ALA B 144 -5.77 13.48 -20.90
C ALA B 144 -5.25 14.51 -21.91
N TYR B 145 -4.16 15.22 -21.60
CA TYR B 145 -3.62 16.21 -22.52
C TYR B 145 -2.65 15.65 -23.55
N PHE B 146 -2.33 14.35 -23.50
CA PHE B 146 -1.41 13.77 -24.46
C PHE B 146 -1.98 13.84 -25.87
N ASN B 147 -1.10 14.13 -26.84
CA ASN B 147 -1.50 14.16 -28.25
C ASN B 147 -1.24 12.80 -28.88
N ASP B 148 -1.42 12.72 -30.21
CA ASP B 148 -1.26 11.44 -30.91
C ASP B 148 0.15 10.89 -30.74
N ALA B 149 1.16 11.74 -30.91
CA ALA B 149 2.54 11.25 -30.85
C ALA B 149 2.90 10.77 -29.45
N GLN B 150 2.43 11.50 -28.44
CA GLN B 150 2.72 11.11 -27.06
C GLN B 150 2.04 9.79 -26.72
N ARG B 151 0.81 9.60 -27.19
CA ARG B 151 0.10 8.34 -26.96
C ARG B 151 0.79 7.20 -27.68
N GLN B 152 1.13 7.41 -28.95
CA GLN B 152 1.77 6.35 -29.73
C GLN B 152 3.10 5.96 -29.11
N ALA B 153 3.86 6.95 -28.62
CA ALA B 153 5.16 6.67 -28.01
C ALA B 153 5.01 5.88 -26.72
N THR B 154 3.93 6.13 -25.98
CA THR B 154 3.64 5.32 -24.80
C THR B 154 3.26 3.90 -25.17
N LYS B 155 2.51 3.74 -26.26
CA LYS B 155 2.21 2.41 -26.78
C LYS B 155 3.49 1.68 -27.17
N ASP B 156 4.38 2.38 -27.89
CA ASP B 156 5.67 1.79 -28.25
C ASP B 156 6.45 1.36 -27.00
N ALA B 157 6.40 2.15 -25.93
CA ALA B 157 7.08 1.76 -24.70
C ALA B 157 6.53 0.44 -24.17
N GLY B 158 5.21 0.26 -24.21
CA GLY B 158 4.62 -0.99 -23.79
C GLY B 158 5.09 -2.15 -24.66
N ARG B 159 5.15 -1.93 -25.97
CA ARG B 159 5.61 -3.00 -26.86
C ARG B 159 7.08 -3.33 -26.60
N ILE B 160 7.91 -2.32 -26.38
CA ILE B 160 9.31 -2.58 -26.10
C ILE B 160 9.46 -3.41 -24.83
N ALA B 161 8.52 -3.27 -23.91
CA ALA B 161 8.52 -4.04 -22.66
C ALA B 161 7.91 -5.42 -22.82
N GLY B 162 7.54 -5.82 -24.03
CA GLY B 162 6.92 -7.12 -24.21
C GLY B 162 5.45 -7.20 -23.85
N LEU B 163 4.75 -6.06 -23.82
CA LEU B 163 3.33 -6.03 -23.50
C LEU B 163 2.52 -5.80 -24.76
N GLU B 164 1.43 -6.56 -24.90
CA GLU B 164 0.41 -6.24 -25.89
C GLU B 164 -0.48 -5.17 -25.27
N VAL B 165 -0.44 -3.97 -25.82
CA VAL B 165 -1.19 -2.86 -25.25
C VAL B 165 -2.63 -2.94 -25.76
N LYS B 166 -3.49 -3.57 -24.96
CA LYS B 166 -4.87 -3.80 -25.41
C LYS B 166 -5.64 -2.50 -25.55
N ARG B 167 -5.39 -1.53 -24.67
CA ARG B 167 -6.06 -0.25 -24.71
C ARG B 167 -5.16 0.78 -24.03
N ILE B 168 -5.20 2.00 -24.56
CA ILE B 168 -4.75 3.19 -23.85
C ILE B 168 -6.01 3.89 -23.36
N ILE B 169 -6.04 4.26 -22.08
CA ILE B 169 -7.13 5.11 -21.59
C ILE B 169 -6.52 6.26 -20.81
N ASN B 170 -7.23 7.37 -20.73
CA ASN B 170 -6.62 8.50 -20.07
CA ASN B 170 -6.66 8.53 -20.08
C ASN B 170 -6.77 8.39 -18.56
N GLU B 171 -5.83 9.04 -17.86
CA GLU B 171 -5.72 8.89 -16.41
C GLU B 171 -6.98 9.30 -15.64
N PRO B 172 -7.67 10.39 -15.97
CA PRO B 172 -8.89 10.72 -15.20
C PRO B 172 -10.00 9.70 -15.39
N THR B 173 -10.17 9.18 -16.60
CA THR B 173 -11.15 8.14 -16.84
C THR B 173 -10.84 6.90 -16.02
N ALA B 174 -9.56 6.53 -15.95
CA ALA B 174 -9.18 5.42 -15.09
C ALA B 174 -9.60 5.67 -13.65
N ALA B 175 -9.31 6.87 -13.13
CA ALA B 175 -9.66 7.15 -11.75
C ALA B 175 -11.17 7.04 -11.56
N ALA B 176 -11.93 7.47 -12.55
CA ALA B 176 -13.38 7.41 -12.44
C ALA B 176 -13.87 5.97 -12.42
N LEU B 177 -13.27 5.11 -13.24
CA LEU B 177 -13.59 3.69 -13.18
C LEU B 177 -13.30 3.11 -11.80
N ALA B 178 -12.19 3.52 -11.18
CA ALA B 178 -11.89 3.05 -9.82
C ALA B 178 -12.96 3.53 -8.84
N TYR B 179 -13.33 4.80 -8.90
CA TYR B 179 -14.37 5.31 -8.04
C TYR B 179 -15.72 4.61 -8.28
N GLY B 180 -16.05 4.35 -9.54
CA GLY B 180 -17.33 3.77 -9.95
C GLY B 180 -17.52 2.34 -9.55
N LEU B 181 -16.49 1.69 -8.99
CA LEU B 181 -16.65 0.38 -8.38
C LEU B 181 -17.51 0.44 -7.12
N ASP B 182 -17.46 1.54 -6.38
CA ASP B 182 -18.24 1.62 -5.16
C ASP B 182 -19.75 1.60 -5.46
N LYS B 183 -20.51 1.11 -4.49
CA LYS B 183 -21.96 1.12 -4.63
C LYS B 183 -22.47 2.53 -4.39
N GLY B 184 -23.58 2.85 -5.06
CA GLY B 184 -24.18 4.15 -4.94
C GLY B 184 -23.52 5.24 -5.75
N THR B 185 -22.67 4.88 -6.72
CA THR B 185 -21.96 5.88 -7.49
C THR B 185 -22.63 6.15 -8.84
N GLY B 186 -23.74 5.48 -9.13
CA GLY B 186 -24.41 5.67 -10.40
C GLY B 186 -25.18 6.98 -10.47
N ASN B 187 -25.23 7.52 -11.68
CA ASN B 187 -25.97 8.75 -12.00
C ASN B 187 -25.46 9.93 -11.17
N ARG B 188 -24.16 10.15 -11.31
CA ARG B 188 -23.45 11.24 -10.68
C ARG B 188 -22.50 11.86 -11.68
N THR B 189 -22.24 13.14 -11.50
CA THR B 189 -21.13 13.82 -12.16
C THR B 189 -20.01 13.99 -11.13
N ILE B 190 -18.77 13.65 -11.51
CA ILE B 190 -17.63 13.81 -10.62
C ILE B 190 -16.61 14.75 -11.25
N ALA B 191 -15.83 15.39 -10.39
CA ALA B 191 -14.67 16.20 -10.76
C ALA B 191 -13.44 15.43 -10.33
N VAL B 192 -12.54 15.15 -11.27
CA VAL B 192 -11.26 14.52 -10.99
C VAL B 192 -10.20 15.59 -11.00
N TYR B 193 -9.69 15.94 -9.81
CA TYR B 193 -8.65 16.96 -9.64
C TYR B 193 -7.34 16.21 -9.46
N ASP B 194 -6.52 16.19 -10.52
CA ASP B 194 -5.32 15.35 -10.59
C ASP B 194 -4.09 16.25 -10.55
N LEU B 195 -3.36 16.21 -9.44
CA LEU B 195 -2.13 16.96 -9.29
C LEU B 195 -1.00 15.96 -9.05
N GLY B 196 -0.30 15.60 -10.13
CA GLY B 196 0.80 14.67 -10.07
C GLY B 196 2.16 15.38 -10.10
N GLY B 197 3.21 14.57 -10.35
CA GLY B 197 4.54 15.13 -10.46
C GLY B 197 4.73 15.98 -11.70
N GLY B 198 4.04 15.64 -12.79
CA GLY B 198 4.31 16.31 -14.06
C GLY B 198 3.28 17.33 -14.53
N ALA B 199 2.09 17.33 -13.93
CA ALA B 199 1.05 18.19 -14.46
C ALA B 199 -0.11 18.28 -13.50
N PHE B 200 -0.90 19.33 -13.70
CA PHE B 200 -2.24 19.43 -13.16
C PHE B 200 -3.22 19.11 -14.27
N ASP B 201 -4.24 18.31 -13.95
CA ASP B 201 -5.29 18.02 -14.90
C ASP B 201 -6.61 17.97 -14.15
N ILE B 202 -7.66 18.59 -14.74
CA ILE B 202 -9.03 18.52 -14.22
C ILE B 202 -9.90 17.89 -15.29
N SER B 203 -10.72 16.90 -14.89
CA SER B 203 -11.72 16.30 -15.78
C SER B 203 -13.08 16.23 -15.07
N ILE B 204 -14.14 16.46 -15.85
CA ILE B 204 -15.52 16.31 -15.42
C ILE B 204 -16.05 15.08 -16.12
N ILE B 205 -16.48 14.08 -15.34
CA ILE B 205 -16.86 12.79 -15.88
C ILE B 205 -18.27 12.43 -15.38
N GLU B 206 -19.13 12.02 -16.31
CA GLU B 206 -20.48 11.57 -15.99
C GLU B 206 -20.48 10.07 -15.82
N ILE B 207 -20.96 9.60 -14.68
CA ILE B 207 -21.15 8.18 -14.40
C ILE B 207 -22.64 7.94 -14.30
N ASP B 208 -23.23 7.35 -15.34
CA ASP B 208 -24.66 7.09 -15.38
C ASP B 208 -24.92 5.59 -15.25
N GLU B 209 -26.13 5.26 -14.78
CA GLU B 209 -26.54 3.87 -14.57
C GLU B 209 -27.94 3.73 -15.14
N VAL B 210 -28.06 2.99 -16.23
CA VAL B 210 -29.31 2.83 -16.97
C VAL B 210 -29.40 1.38 -17.43
N ASP B 211 -30.54 0.75 -17.13
CA ASP B 211 -30.83 -0.61 -17.57
C ASP B 211 -29.69 -1.57 -17.19
N GLY B 212 -29.16 -1.40 -15.97
CA GLY B 212 -28.13 -2.27 -15.46
C GLY B 212 -26.71 -1.97 -15.91
N GLU B 213 -26.52 -1.03 -16.85
CA GLU B 213 -25.22 -0.70 -17.42
C GLU B 213 -24.71 0.62 -16.80
N LYS B 214 -23.48 0.62 -16.32
CA LYS B 214 -22.85 1.83 -15.81
C LYS B 214 -21.95 2.40 -16.90
N THR B 215 -22.19 3.66 -17.29
CA THR B 215 -21.44 4.30 -18.37
C THR B 215 -20.62 5.45 -17.82
N PHE B 216 -19.48 5.69 -18.48
CA PHE B 216 -18.50 6.69 -18.08
C PHE B 216 -18.19 7.57 -19.28
N GLU B 217 -18.45 8.87 -19.17
CA GLU B 217 -18.25 9.76 -20.30
C GLU B 217 -17.55 11.03 -19.84
N VAL B 218 -16.48 11.41 -20.53
CA VAL B 218 -15.78 12.64 -20.20
C VAL B 218 -16.56 13.82 -20.77
N LEU B 219 -16.94 14.76 -19.91
CA LEU B 219 -17.67 15.96 -20.30
C LEU B 219 -16.79 17.17 -20.50
N ALA B 220 -15.63 17.21 -19.84
CA ALA B 220 -14.69 18.29 -20.04
C ALA B 220 -13.35 17.88 -19.45
N THR B 221 -12.26 18.40 -20.05
CA THR B 221 -10.94 18.19 -19.48
C THR B 221 -10.02 19.32 -19.90
N ASN B 222 -9.08 19.63 -19.03
CA ASN B 222 -7.95 20.47 -19.43
C ASN B 222 -6.84 20.27 -18.42
N GLY B 223 -5.60 20.58 -18.85
CA GLY B 223 -4.43 20.32 -18.04
C GLY B 223 -3.35 21.39 -18.23
N ASP B 224 -2.39 21.39 -17.31
CA ASP B 224 -1.30 22.38 -17.33
C ASP B 224 -0.05 21.72 -16.79
N THR B 225 0.95 21.51 -17.66
CA THR B 225 2.21 20.87 -17.25
C THR B 225 3.13 21.79 -16.46
N HIS B 226 2.75 23.04 -16.22
CA HIS B 226 3.57 23.93 -15.43
C HIS B 226 3.15 23.96 -13.96
N LEU B 227 2.14 23.19 -13.58
CA LEU B 227 1.60 23.24 -12.23
C LEU B 227 1.81 21.94 -11.48
N GLY B 228 2.65 21.05 -11.99
CA GLY B 228 2.86 19.78 -11.35
C GLY B 228 3.78 19.85 -10.13
N GLY B 229 3.87 18.71 -9.45
CA GLY B 229 4.66 18.64 -8.22
C GLY B 229 6.12 18.98 -8.40
N GLU B 230 6.69 18.70 -9.58
CA GLU B 230 8.07 19.09 -9.85
CA GLU B 230 8.07 19.09 -9.86
C GLU B 230 8.22 20.61 -9.84
N ASP B 231 7.18 21.34 -10.20
CA ASP B 231 7.26 22.80 -10.13
C ASP B 231 7.17 23.29 -8.69
N PHE B 232 6.40 22.58 -7.85
CA PHE B 232 6.45 22.85 -6.41
C PHE B 232 7.88 22.67 -5.90
N ASP B 233 8.50 21.54 -6.24
CA ASP B 233 9.88 21.27 -5.85
C ASP B 233 10.78 22.44 -6.24
N SER B 234 10.62 22.90 -7.49
N SER B 234 10.62 22.91 -7.47
CA SER B 234 11.50 23.94 -8.01
CA SER B 234 11.53 23.94 -7.99
C SER B 234 11.47 25.18 -7.12
C SER B 234 11.46 25.20 -7.14
N ARG B 235 10.27 25.58 -6.67
CA ARG B 235 10.17 26.78 -5.85
CA ARG B 235 10.16 26.78 -5.84
C ARG B 235 10.97 26.62 -4.56
N LEU B 236 10.89 25.45 -3.93
CA LEU B 236 11.63 25.22 -2.69
C LEU B 236 13.12 25.09 -2.97
N ILE B 237 13.49 24.43 -4.05
CA ILE B 237 14.91 24.30 -4.40
C ILE B 237 15.52 25.68 -4.58
N ASN B 238 14.85 26.56 -5.32
CA ASN B 238 15.37 27.89 -5.57
C ASN B 238 15.56 28.66 -4.26
N TYR B 239 14.64 28.49 -3.32
CA TYR B 239 14.76 29.14 -2.03
C TYR B 239 15.96 28.62 -1.25
N LEU B 240 16.17 27.31 -1.22
CA LEU B 240 17.32 26.75 -0.52
C LEU B 240 18.62 27.21 -1.16
N VAL B 241 18.66 27.30 -2.48
CA VAL B 241 19.86 27.80 -3.16
C VAL B 241 20.15 29.24 -2.73
N GLU B 242 19.11 30.07 -2.73
CA GLU B 242 19.29 31.47 -2.40
C GLU B 242 19.67 31.67 -0.94
N GLU B 243 19.10 30.86 -0.04
CA GLU B 243 19.47 30.99 1.37
C GLU B 243 20.94 30.62 1.58
N PHE B 244 21.41 29.56 0.92
CA PHE B 244 22.80 29.15 1.09
C PHE B 244 23.76 30.19 0.51
N LYS B 245 23.41 30.79 -0.62
CA LYS B 245 24.23 31.85 -1.19
C LYS B 245 24.33 33.01 -0.22
N LYS B 246 23.19 33.43 0.33
CA LYS B 246 23.17 34.56 1.26
C LYS B 246 23.94 34.23 2.55
N ASP B 247 23.75 33.02 3.07
CA ASP B 247 24.29 32.66 4.37
C ASP B 247 25.76 32.27 4.33
N GLN B 248 26.24 31.70 3.23
CA GLN B 248 27.61 31.22 3.17
C GLN B 248 28.35 31.66 1.92
N GLY B 249 27.72 32.47 1.06
CA GLY B 249 28.42 33.02 -0.08
C GLY B 249 28.75 32.02 -1.16
N ILE B 250 28.08 30.88 -1.20
CA ILE B 250 28.33 29.85 -2.20
C ILE B 250 27.05 29.63 -3.00
N ASP B 251 27.19 29.67 -4.33
CA ASP B 251 26.10 29.39 -5.27
C ASP B 251 26.26 27.94 -5.73
N LEU B 252 25.36 27.07 -5.30
CA LEU B 252 25.50 25.65 -5.59
C LEU B 252 25.09 25.26 -7.01
N ARG B 253 24.53 26.18 -7.80
CA ARG B 253 23.87 25.80 -9.05
C ARG B 253 24.82 25.23 -10.09
N ASN B 254 26.11 25.53 -10.02
CA ASN B 254 27.07 24.97 -10.97
C ASN B 254 27.64 23.64 -10.52
N ASP B 255 27.11 23.05 -9.45
CA ASP B 255 27.60 21.82 -8.84
C ASP B 255 26.54 20.73 -8.99
N PRO B 256 26.59 19.92 -10.06
CA PRO B 256 25.52 18.92 -10.28
C PRO B 256 25.30 17.96 -9.11
N LEU B 257 26.38 17.49 -8.48
CA LEU B 257 26.23 16.57 -7.38
C LEU B 257 25.49 17.22 -6.23
N ALA B 258 25.88 18.45 -5.88
CA ALA B 258 25.20 19.17 -4.80
C ALA B 258 23.74 19.42 -5.14
N MET B 259 23.47 19.83 -6.40
CA MET B 259 22.10 20.15 -6.80
C MET B 259 21.21 18.92 -6.78
N GLN B 260 21.77 17.75 -7.09
CA GLN B 260 20.98 16.53 -6.99
C GLN B 260 20.65 16.20 -5.54
N ARG B 261 21.62 16.37 -4.64
CA ARG B 261 21.29 16.18 -3.23
C ARG B 261 20.25 17.17 -2.79
N LEU B 262 20.35 18.41 -3.26
CA LEU B 262 19.41 19.44 -2.86
C LEU B 262 18.02 19.17 -3.40
N LYS B 263 17.93 18.66 -4.64
CA LYS B 263 16.63 18.32 -5.23
C LYS B 263 15.93 17.25 -4.42
N GLU B 264 16.65 16.18 -4.07
CA GLU B 264 16.05 15.11 -3.28
C GLU B 264 15.66 15.58 -1.88
N ALA B 265 16.51 16.39 -1.26
CA ALA B 265 16.21 16.88 0.08
C ALA B 265 15.00 17.80 0.07
N ALA B 266 14.90 18.66 -0.94
CA ALA B 266 13.78 19.57 -1.04
C ALA B 266 12.47 18.81 -1.21
N GLU B 267 12.47 17.78 -2.06
CA GLU B 267 11.24 17.00 -2.24
C GLU B 267 10.84 16.30 -0.96
N LYS B 268 11.80 15.70 -0.25
CA LYS B 268 11.46 15.04 1.00
C LYS B 268 10.96 16.05 2.02
N ALA B 269 11.53 17.25 2.03
CA ALA B 269 11.06 18.29 2.95
C ALA B 269 9.65 18.70 2.61
N LYS B 270 9.39 18.97 1.33
CA LYS B 270 8.04 19.30 0.90
C LYS B 270 7.06 18.25 1.37
N ILE B 271 7.39 16.98 1.11
CA ILE B 271 6.51 15.88 1.49
C ILE B 271 6.29 15.87 2.99
N GLU B 272 7.38 15.99 3.76
CA GLU B 272 7.24 15.90 5.21
C GLU B 272 6.32 17.00 5.73
N LEU B 273 6.34 18.15 5.09
CA LEU B 273 5.54 19.28 5.52
C LEU B 273 4.07 19.12 5.21
N SER B 274 3.65 18.05 4.53
CA SER B 274 2.23 17.71 4.49
C SER B 274 1.77 17.11 5.80
N SER B 275 2.70 16.64 6.61
CA SER B 275 2.42 16.01 7.89
C SER B 275 2.87 16.82 9.09
N ALA B 276 3.96 17.60 8.97
CA ALA B 276 4.52 18.36 10.08
C ALA B 276 4.43 19.85 9.79
N GLN B 277 4.62 20.64 10.84
CA GLN B 277 4.62 22.10 10.73
C GLN B 277 6.00 22.65 10.41
N GLN B 278 7.04 21.84 10.58
CA GLN B 278 8.40 22.26 10.30
C GLN B 278 9.20 21.04 9.91
N THR B 279 10.30 21.28 9.21
CA THR B 279 11.23 20.21 8.88
C THR B 279 12.59 20.85 8.64
N ASP B 280 13.62 20.01 8.61
CA ASP B 280 15.00 20.44 8.51
C ASP B 280 15.64 19.84 7.26
N VAL B 281 16.24 20.69 6.43
CA VAL B 281 17.05 20.24 5.29
C VAL B 281 18.51 20.21 5.76
N ASN B 282 19.06 19.01 5.89
CA ASN B 282 20.38 18.80 6.47
C ASN B 282 21.25 18.05 5.47
N LEU B 283 22.22 18.75 4.86
CA LEU B 283 23.10 18.14 3.87
C LEU B 283 24.55 18.39 4.26
N PRO B 284 25.15 17.47 5.01
CA PRO B 284 26.57 17.61 5.35
C PRO B 284 27.46 17.35 4.14
N TYR B 285 28.62 18.00 4.15
CA TYR B 285 29.60 17.86 3.07
C TYR B 285 28.98 18.19 1.70
N ILE B 286 28.15 19.23 1.67
CA ILE B 286 27.45 19.56 0.42
C ILE B 286 28.42 20.13 -0.60
N THR B 287 29.46 20.83 -0.15
CA THR B 287 30.55 21.29 -1.01
C THR B 287 31.78 21.53 -0.15
N ALA B 288 32.81 22.10 -0.76
CA ALA B 288 34.03 22.39 -0.03
C ALA B 288 34.82 23.45 -0.78
N ASP B 289 35.65 24.18 -0.06
CA ASP B 289 36.60 25.10 -0.67
C ASP B 289 37.95 24.89 0.00
N ALA B 290 38.86 25.86 -0.17
CA ALA B 290 40.22 25.71 0.34
C ALA B 290 40.25 25.62 1.85
N THR B 291 39.22 26.10 2.54
CA THR B 291 39.20 26.10 3.99
C THR B 291 38.48 24.89 4.56
N GLY B 292 38.06 23.95 3.71
CA GLY B 292 37.48 22.71 4.16
C GLY B 292 36.02 22.55 3.77
N PRO B 293 35.36 21.54 4.34
CA PRO B 293 33.99 21.20 3.91
C PRO B 293 32.95 22.20 4.39
N LYS B 294 31.83 22.23 3.66
CA LYS B 294 30.71 23.09 3.98
C LYS B 294 29.45 22.24 4.14
N HIS B 295 28.53 22.72 4.98
CA HIS B 295 27.38 21.94 5.39
C HIS B 295 26.13 22.81 5.33
N MET B 296 25.04 22.24 4.84
CA MET B 296 23.76 22.93 4.78
C MET B 296 22.86 22.42 5.89
N ASN B 297 22.22 23.36 6.59
CA ASN B 297 21.19 23.01 7.56
C ASN B 297 20.22 24.19 7.58
N ILE B 298 19.06 23.99 6.97
CA ILE B 298 18.07 25.03 6.79
C ILE B 298 16.73 24.50 7.27
N LYS B 299 16.08 25.27 8.13
CA LYS B 299 14.76 24.97 8.64
C LYS B 299 13.71 25.52 7.67
N VAL B 300 12.69 24.73 7.37
CA VAL B 300 11.59 25.14 6.50
C VAL B 300 10.28 24.85 7.21
N THR B 301 9.47 25.89 7.41
CA THR B 301 8.17 25.74 8.03
C THR B 301 7.13 25.48 6.95
N ARG B 302 5.99 24.93 7.36
CA ARG B 302 4.88 24.78 6.42
C ARG B 302 4.46 26.14 5.89
N ALA B 303 4.41 27.15 6.76
CA ALA B 303 4.00 28.48 6.31
C ALA B 303 4.93 28.99 5.22
N LYS B 304 6.23 28.74 5.35
CA LYS B 304 7.17 29.18 4.32
C LYS B 304 6.92 28.45 3.00
N LEU B 305 6.72 27.13 3.06
CA LEU B 305 6.43 26.37 1.86
C LEU B 305 5.15 26.87 1.19
N GLU B 306 4.08 27.03 1.99
CA GLU B 306 2.82 27.53 1.45
C GLU B 306 3.02 28.88 0.75
N SER B 307 3.86 29.74 1.31
CA SER B 307 4.15 31.01 0.66
C SER B 307 4.86 30.80 -0.67
N LEU B 308 5.76 29.81 -0.74
CA LEU B 308 6.55 29.59 -1.95
C LEU B 308 5.71 29.02 -3.09
N VAL B 309 4.67 28.25 -2.79
CA VAL B 309 3.90 27.56 -3.83
C VAL B 309 2.46 28.03 -3.93
N GLU B 310 2.05 29.05 -3.17
CA GLU B 310 0.65 29.49 -3.18
C GLU B 310 0.18 29.87 -4.59
N ASP B 311 1.05 30.52 -5.36
CA ASP B 311 0.67 30.93 -6.71
C ASP B 311 0.37 29.72 -7.59
N LEU B 312 1.14 28.64 -7.44
CA LEU B 312 0.90 27.43 -8.21
C LEU B 312 -0.45 26.85 -7.88
N VAL B 313 -0.79 26.76 -6.61
CA VAL B 313 -2.08 26.21 -6.23
C VAL B 313 -3.19 27.11 -6.76
N ASN B 314 -3.04 28.43 -6.61
CA ASN B 314 -4.09 29.33 -7.06
C ASN B 314 -4.29 29.27 -8.57
N ARG B 315 -3.23 28.99 -9.33
CA ARG B 315 -3.37 28.87 -10.78
C ARG B 315 -4.17 27.64 -11.19
N SER B 316 -4.46 26.72 -10.28
CA SER B 316 -5.24 25.54 -10.63
C SER B 316 -6.75 25.82 -10.63
N ILE B 317 -7.19 26.99 -10.17
CA ILE B 317 -8.62 27.25 -10.00
C ILE B 317 -9.27 27.65 -11.32
N GLU B 318 -8.65 28.54 -12.08
CA GLU B 318 -9.26 28.95 -13.34
C GLU B 318 -9.50 27.77 -14.29
N PRO B 319 -8.59 26.79 -14.41
CA PRO B 319 -8.90 25.59 -15.19
C PRO B 319 -10.16 24.87 -14.73
N LEU B 320 -10.45 24.88 -13.42
CA LEU B 320 -11.70 24.31 -12.92
C LEU B 320 -12.88 25.05 -13.46
N LYS B 321 -12.82 26.39 -13.42
CA LYS B 321 -13.93 27.18 -13.94
C LYS B 321 -14.13 26.90 -15.42
N VAL B 322 -13.03 26.80 -16.17
CA VAL B 322 -13.12 26.56 -17.62
C VAL B 322 -13.75 25.21 -17.90
N ALA B 323 -13.33 24.19 -17.16
CA ALA B 323 -13.86 22.85 -17.40
C ALA B 323 -15.36 22.81 -17.18
N LEU B 324 -15.84 23.46 -16.11
CA LEU B 324 -17.28 23.47 -15.85
C LEU B 324 -18.03 24.23 -16.94
N GLN B 325 -17.49 25.38 -17.39
CA GLN B 325 -18.10 26.11 -18.50
C GLN B 325 -18.17 25.23 -19.74
N ASP B 326 -17.08 24.52 -20.04
CA ASP B 326 -17.04 23.67 -21.22
C ASP B 326 -18.01 22.50 -21.14
N ALA B 327 -18.34 22.03 -19.93
CA ALA B 327 -19.35 20.99 -19.76
C ALA B 327 -20.77 21.55 -19.63
N GLY B 328 -20.91 22.88 -19.56
CA GLY B 328 -22.22 23.48 -19.35
C GLY B 328 -22.80 23.25 -17.96
N LEU B 329 -21.96 23.08 -16.96
CA LEU B 329 -22.40 22.70 -15.62
C LEU B 329 -22.05 23.76 -14.59
N SER B 330 -22.80 23.75 -13.50
CA SER B 330 -22.49 24.50 -12.30
C SER B 330 -21.77 23.62 -11.29
N VAL B 331 -21.12 24.27 -10.33
CA VAL B 331 -20.56 23.57 -9.17
C VAL B 331 -21.63 22.73 -8.50
N SER B 332 -22.88 23.22 -8.48
CA SER B 332 -23.97 22.49 -7.84
C SER B 332 -24.31 21.17 -8.53
N ASP B 333 -23.85 20.94 -9.75
CA ASP B 333 -24.04 19.68 -10.47
C ASP B 333 -22.96 18.65 -10.17
N ILE B 334 -21.90 19.03 -9.46
CA ILE B 334 -20.81 18.11 -9.14
C ILE B 334 -21.17 17.37 -7.86
N ASP B 335 -21.34 16.04 -7.95
CA ASP B 335 -21.82 15.25 -6.82
C ASP B 335 -20.69 14.74 -5.95
N ASP B 336 -19.50 14.57 -6.53
CA ASP B 336 -18.33 14.12 -5.79
C ASP B 336 -17.09 14.72 -6.42
N VAL B 337 -16.12 15.01 -5.56
CA VAL B 337 -14.80 15.45 -5.97
C VAL B 337 -13.81 14.36 -5.59
N ILE B 338 -12.96 13.98 -6.56
CA ILE B 338 -11.95 12.93 -6.38
C ILE B 338 -10.59 13.59 -6.54
N LEU B 339 -9.74 13.46 -5.52
CA LEU B 339 -8.36 13.90 -5.61
C LEU B 339 -7.50 12.76 -6.11
N VAL B 340 -6.71 13.02 -7.13
CA VAL B 340 -5.72 12.08 -7.66
C VAL B 340 -4.35 12.75 -7.64
N GLY B 341 -3.32 11.97 -7.31
CA GLY B 341 -1.97 12.46 -7.36
C GLY B 341 -1.41 12.77 -5.99
N GLY B 342 -0.14 12.43 -5.79
CA GLY B 342 0.46 12.60 -4.49
C GLY B 342 0.55 14.05 -4.04
N GLN B 343 0.59 14.97 -5.00
CA GLN B 343 0.72 16.39 -4.65
C GLN B 343 -0.56 16.93 -4.05
N THR B 344 -1.69 16.23 -4.22
CA THR B 344 -2.94 16.64 -3.56
C THR B 344 -2.94 16.33 -2.07
N ARG B 345 -1.94 15.59 -1.56
CA ARG B 345 -1.88 15.35 -0.13
C ARG B 345 -1.45 16.59 0.65
N MET B 346 -1.04 17.64 -0.03
CA MET B 346 -0.71 18.88 0.64
C MET B 346 -1.97 19.51 1.25
N PRO B 347 -2.02 19.77 2.55
CA PRO B 347 -3.26 20.35 3.13
C PRO B 347 -3.76 21.60 2.41
N MET B 348 -2.87 22.51 2.01
CA MET B 348 -3.33 23.71 1.32
C MET B 348 -4.08 23.36 0.04
N VAL B 349 -3.62 22.34 -0.69
CA VAL B 349 -4.30 21.96 -1.92
C VAL B 349 -5.68 21.43 -1.59
N GLN B 350 -5.76 20.57 -0.57
CA GLN B 350 -7.04 19.96 -0.22
C GLN B 350 -8.03 21.01 0.21
N LYS B 351 -7.59 21.98 1.01
CA LYS B 351 -8.47 23.04 1.47
C LYS B 351 -8.96 23.88 0.30
N LYS B 352 -8.06 24.22 -0.62
CA LYS B 352 -8.46 25.04 -1.75
C LYS B 352 -9.49 24.33 -2.63
N VAL B 353 -9.33 23.02 -2.84
CA VAL B 353 -10.28 22.30 -3.68
C VAL B 353 -11.64 22.21 -2.99
N ALA B 354 -11.64 21.87 -1.70
CA ALA B 354 -12.90 21.80 -0.94
C ALA B 354 -13.62 23.13 -0.96
N GLU B 355 -12.88 24.24 -0.87
CA GLU B 355 -13.48 25.56 -0.91
C GLU B 355 -14.13 25.86 -2.25
N PHE B 356 -13.47 25.50 -3.36
CA PHE B 356 -14.05 25.78 -4.67
C PHE B 356 -15.35 25.03 -4.87
N PHE B 357 -15.34 23.72 -4.59
CA PHE B 357 -16.51 22.89 -4.87
C PHE B 357 -17.54 22.94 -3.75
N GLY B 358 -17.17 23.45 -2.58
CA GLY B 358 -18.09 23.47 -1.47
C GLY B 358 -18.40 22.11 -0.91
N LYS B 359 -17.50 21.15 -1.08
CA LYS B 359 -17.67 19.83 -0.47
C LYS B 359 -16.32 19.16 -0.33
N GLU B 360 -16.26 18.24 0.62
CA GLU B 360 -15.01 17.55 0.91
C GLU B 360 -14.78 16.45 -0.12
N PRO B 361 -13.58 16.32 -0.67
CA PRO B 361 -13.29 15.22 -1.59
C PRO B 361 -13.53 13.86 -0.94
N ARG B 362 -13.88 12.88 -1.76
CA ARG B 362 -14.13 11.53 -1.26
C ARG B 362 -12.84 10.96 -0.69
N LYS B 363 -12.93 10.37 0.49
CA LYS B 363 -11.72 9.89 1.16
C LYS B 363 -11.41 8.43 0.88
N ASP B 364 -12.32 7.71 0.23
CA ASP B 364 -12.12 6.30 -0.06
C ASP B 364 -11.50 6.07 -1.44
N VAL B 365 -10.97 7.10 -2.08
CA VAL B 365 -10.24 6.96 -3.34
C VAL B 365 -8.78 7.24 -3.02
N ASN B 366 -7.93 6.28 -3.31
CA ASN B 366 -6.51 6.42 -3.01
C ASN B 366 -5.85 7.24 -4.10
N PRO B 367 -5.26 8.40 -3.78
CA PRO B 367 -4.74 9.28 -4.85
C PRO B 367 -3.55 8.70 -5.56
N ASP B 368 -2.86 7.73 -4.96
CA ASP B 368 -1.69 7.13 -5.58
C ASP B 368 -2.01 5.90 -6.42
N GLU B 369 -3.19 5.30 -6.23
CA GLU B 369 -3.48 4.00 -6.82
C GLU B 369 -4.72 3.97 -7.70
N ALA B 370 -5.55 5.00 -7.66
CA ALA B 370 -6.81 4.95 -8.38
C ALA B 370 -6.62 4.76 -9.88
N VAL B 371 -5.57 5.39 -10.45
CA VAL B 371 -5.37 5.30 -11.90
C VAL B 371 -5.01 3.88 -12.31
N ALA B 372 -4.07 3.24 -11.59
CA ALA B 372 -3.75 1.85 -11.89
C ALA B 372 -4.97 0.95 -11.66
N ILE B 373 -5.72 1.17 -10.57
CA ILE B 373 -6.93 0.38 -10.34
C ILE B 373 -7.90 0.52 -11.51
N GLY B 374 -8.14 1.75 -11.97
CA GLY B 374 -9.02 1.95 -13.12
C GLY B 374 -8.53 1.25 -14.38
N ALA B 375 -7.22 1.28 -14.61
CA ALA B 375 -6.67 0.57 -15.75
C ALA B 375 -6.94 -0.92 -15.64
N ALA B 376 -6.81 -1.47 -14.43
CA ALA B 376 -7.14 -2.87 -14.21
C ALA B 376 -8.63 -3.13 -14.45
N VAL B 377 -9.50 -2.21 -14.02
CA VAL B 377 -10.92 -2.36 -14.30
C VAL B 377 -11.15 -2.46 -15.80
N GLN B 378 -10.57 -1.54 -16.56
CA GLN B 378 -10.72 -1.60 -18.02
C GLN B 378 -10.23 -2.92 -18.57
N GLY B 379 -9.13 -3.45 -18.03
CA GLY B 379 -8.68 -4.77 -18.42
C GLY B 379 -9.70 -5.86 -18.14
N GLY B 380 -10.35 -5.79 -16.98
CA GLY B 380 -11.41 -6.74 -16.64
C GLY B 380 -12.61 -6.63 -17.56
N VAL B 381 -12.89 -5.44 -18.06
CA VAL B 381 -13.97 -5.30 -19.04
C VAL B 381 -13.60 -6.04 -20.32
N LEU B 382 -12.34 -5.96 -20.71
CA LEU B 382 -11.90 -6.59 -21.96
C LEU B 382 -11.91 -8.11 -21.86
N THR B 383 -11.61 -8.66 -20.68
CA THR B 383 -11.65 -10.11 -20.51
C THR B 383 -13.04 -10.64 -20.21
N GLY B 384 -14.00 -9.77 -19.93
CA GLY B 384 -15.31 -10.18 -19.49
C GLY B 384 -15.43 -10.40 -18.00
N ASP B 385 -14.35 -10.23 -17.24
CA ASP B 385 -14.42 -10.37 -15.79
C ASP B 385 -15.23 -9.25 -15.15
N VAL B 386 -15.26 -8.07 -15.75
CA VAL B 386 -16.09 -6.97 -15.29
C VAL B 386 -17.19 -6.77 -16.32
N LYS B 387 -18.43 -6.89 -15.90
CA LYS B 387 -19.58 -6.76 -16.79
C LYS B 387 -20.36 -5.48 -16.50
N ASP B 388 -21.17 -5.08 -17.47
CA ASP B 388 -22.09 -3.95 -17.30
C ASP B 388 -21.34 -2.65 -17.02
N VAL B 389 -20.16 -2.49 -17.65
CA VAL B 389 -19.37 -1.25 -17.59
C VAL B 389 -19.01 -0.87 -19.02
N LEU B 390 -19.31 0.37 -19.41
CA LEU B 390 -19.04 0.86 -20.76
C LEU B 390 -18.40 2.24 -20.68
N LEU B 391 -17.25 2.37 -21.30
CA LEU B 391 -16.66 3.68 -21.55
C LEU B 391 -17.33 4.29 -22.76
N LEU B 392 -17.97 5.44 -22.58
CA LEU B 392 -18.77 6.08 -23.61
C LEU B 392 -17.97 7.24 -24.22
N ASP B 393 -17.70 7.16 -25.52
CA ASP B 393 -16.97 8.23 -26.22
C ASP B 393 -17.63 8.36 -27.58
N VAL B 394 -18.44 9.42 -27.77
CA VAL B 394 -19.19 9.59 -28.99
C VAL B 394 -19.08 11.01 -29.51
N THR B 395 -19.32 11.18 -30.80
CA THR B 395 -19.33 12.52 -31.36
C THR B 395 -20.55 13.29 -30.84
N PRO B 396 -20.38 14.53 -30.43
CA PRO B 396 -21.53 15.30 -29.93
C PRO B 396 -22.45 15.82 -31.04
N LEU B 397 -21.88 16.09 -32.22
CA LEU B 397 -22.60 16.73 -33.31
C LEU B 397 -22.14 16.12 -34.64
N SER B 398 -23.02 16.22 -35.64
CA SER B 398 -22.69 15.69 -36.96
C SER B 398 -21.52 16.45 -37.55
N LEU B 399 -20.74 15.74 -38.36
CA LEU B 399 -19.58 16.29 -39.02
C LEU B 399 -19.68 16.01 -40.51
N GLY B 400 -19.31 16.99 -41.32
CA GLY B 400 -19.42 16.83 -42.75
C GLY B 400 -18.72 17.93 -43.51
N ILE B 401 -19.08 18.04 -44.79
CA ILE B 401 -18.50 19.05 -45.66
C ILE B 401 -19.59 19.76 -46.43
N GLU B 402 -19.24 20.94 -46.93
CA GLU B 402 -20.14 21.72 -47.76
C GLU B 402 -20.10 21.21 -49.21
N THR B 403 -21.27 20.99 -49.79
CA THR B 403 -21.40 20.60 -51.19
C THR B 403 -22.21 21.68 -51.92
N MET B 404 -22.27 21.54 -53.23
CA MET B 404 -22.79 22.58 -54.11
C MET B 404 -24.17 23.05 -53.65
N GLY B 405 -24.34 24.37 -53.63
CA GLY B 405 -25.59 24.96 -53.18
C GLY B 405 -25.62 25.34 -51.73
N GLY B 406 -24.49 25.28 -51.03
CA GLY B 406 -24.45 25.61 -49.61
C GLY B 406 -25.08 24.58 -48.70
N VAL B 407 -24.98 23.30 -49.07
CA VAL B 407 -25.59 22.20 -48.33
C VAL B 407 -24.53 21.55 -47.44
N MET B 408 -24.89 21.17 -46.22
CA MET B 408 -23.99 20.36 -45.40
C MET B 408 -24.30 18.90 -45.68
N THR B 409 -23.27 18.17 -46.13
CA THR B 409 -23.36 16.75 -46.36
C THR B 409 -22.63 16.04 -45.23
N THR B 410 -23.33 15.19 -44.49
CA THR B 410 -22.74 14.56 -43.30
C THR B 410 -21.86 13.38 -43.68
N LEU B 411 -20.66 13.36 -43.10
CA LEU B 411 -19.76 12.21 -43.17
C LEU B 411 -19.82 11.35 -41.93
N ILE B 412 -19.95 11.96 -40.75
CA ILE B 412 -20.09 11.20 -39.51
C ILE B 412 -21.29 11.75 -38.75
N ALA B 413 -22.28 10.90 -38.51
CA ALA B 413 -23.48 11.33 -37.80
C ALA B 413 -23.16 11.57 -36.32
N LYS B 414 -23.93 12.48 -35.74
CA LYS B 414 -23.92 12.71 -34.30
C LYS B 414 -24.07 11.39 -33.55
N ASN B 415 -23.40 11.31 -32.41
CA ASN B 415 -23.47 10.16 -31.49
C ASN B 415 -22.83 8.91 -32.08
N THR B 416 -21.85 9.07 -32.97
CA THR B 416 -21.09 7.93 -33.45
C THR B 416 -19.98 7.61 -32.46
N THR B 417 -19.84 6.34 -32.13
CA THR B 417 -18.78 5.90 -31.23
C THR B 417 -17.42 6.15 -31.86
N ILE B 418 -16.49 6.69 -31.07
CA ILE B 418 -15.13 6.92 -31.56
C ILE B 418 -14.17 5.92 -30.92
N PRO B 419 -13.10 5.49 -31.61
CA PRO B 419 -12.68 5.94 -32.94
C PRO B 419 -13.57 5.47 -34.07
N THR B 420 -13.56 6.22 -35.18
CA THR B 420 -14.42 5.89 -36.31
C THR B 420 -13.79 6.43 -37.58
N LYS B 421 -14.23 5.87 -38.71
CA LYS B 421 -13.71 6.26 -40.03
C LYS B 421 -14.84 6.10 -41.05
N HIS B 422 -15.14 7.16 -41.81
CA HIS B 422 -16.19 7.13 -42.82
C HIS B 422 -15.72 7.89 -44.05
N SER B 423 -16.05 7.36 -45.23
CA SER B 423 -15.63 7.96 -46.49
C SER B 423 -16.83 8.12 -47.42
N GLN B 424 -16.75 9.11 -48.30
CA GLN B 424 -17.74 9.28 -49.36
C GLN B 424 -17.04 9.87 -50.58
N VAL B 425 -17.49 9.53 -51.78
CA VAL B 425 -16.88 10.02 -53.01
C VAL B 425 -17.71 11.17 -53.56
N PHE B 426 -17.04 12.25 -53.92
CA PHE B 426 -17.65 13.45 -54.47
C PHE B 426 -17.07 13.75 -55.83
N SER B 427 -17.65 14.73 -56.53
CA SER B 427 -17.11 15.11 -57.83
C SER B 427 -17.14 16.62 -57.99
N THR B 428 -16.77 17.07 -59.18
CA THR B 428 -16.62 18.48 -59.48
C THR B 428 -17.92 19.07 -60.00
N ALA B 429 -18.13 20.34 -59.70
CA ALA B 429 -19.34 21.03 -60.14
C ALA B 429 -19.22 21.64 -61.55
N GLU B 430 -17.99 21.91 -62.02
CA GLU B 430 -17.78 22.55 -63.33
C GLU B 430 -16.88 21.70 -64.23
N ASP B 431 -17.08 21.82 -65.54
CA ASP B 431 -16.20 21.17 -66.50
C ASP B 431 -14.76 21.65 -66.31
N ASN B 432 -13.82 20.71 -66.37
CA ASN B 432 -12.39 21.01 -66.30
C ASN B 432 -11.99 21.70 -65.00
N GLN B 433 -12.77 21.51 -63.95
CA GLN B 433 -12.42 22.06 -62.65
C GLN B 433 -11.11 21.45 -62.16
N SER B 434 -10.17 22.29 -61.75
CA SER B 434 -8.83 21.81 -61.41
C SER B 434 -8.62 21.58 -59.91
N ALA B 435 -9.54 22.02 -59.07
CA ALA B 435 -9.40 21.87 -57.63
C ALA B 435 -10.77 21.80 -56.99
N VAL B 436 -10.84 21.21 -55.81
CA VAL B 436 -12.05 21.25 -55.01
C VAL B 436 -11.71 21.79 -53.63
N THR B 437 -12.67 22.50 -53.03
CA THR B 437 -12.55 23.07 -51.67
C THR B 437 -13.27 22.15 -50.71
N ILE B 438 -12.54 21.61 -49.74
CA ILE B 438 -13.10 20.76 -48.70
C ILE B 438 -13.32 21.66 -47.48
N HIS B 439 -14.58 22.00 -47.24
CA HIS B 439 -14.98 22.89 -46.17
C HIS B 439 -15.68 22.04 -45.09
N VAL B 440 -14.98 21.84 -43.96
CA VAL B 440 -15.41 20.95 -42.89
C VAL B 440 -16.35 21.70 -41.95
N LEU B 441 -17.47 21.06 -41.61
CA LEU B 441 -18.54 21.68 -40.88
C LEU B 441 -19.00 20.79 -39.73
N GLN B 442 -19.51 21.43 -38.69
CA GLN B 442 -20.05 20.73 -37.53
C GLN B 442 -21.41 21.29 -37.16
N GLY B 443 -22.40 20.42 -37.08
CA GLY B 443 -23.73 20.85 -36.69
C GLY B 443 -24.79 20.01 -37.36
N GLU B 444 -26.04 20.33 -37.01
CA GLU B 444 -27.18 19.53 -37.37
C GLU B 444 -28.06 20.15 -38.46
N ARG B 445 -27.71 21.34 -38.95
CA ARG B 445 -28.55 22.02 -39.94
C ARG B 445 -28.15 21.62 -41.36
N LYS B 446 -29.09 21.76 -42.29
CA LYS B 446 -28.83 21.39 -43.69
C LYS B 446 -28.19 22.51 -44.48
N ARG B 447 -28.33 23.76 -44.03
CA ARG B 447 -27.63 24.89 -44.63
C ARG B 447 -26.23 24.97 -44.03
N ALA B 448 -25.20 24.84 -44.88
CA ALA B 448 -23.84 24.89 -44.38
C ALA B 448 -23.60 26.15 -43.56
N ALA B 449 -24.19 27.27 -43.97
CA ALA B 449 -23.99 28.53 -43.27
C ALA B 449 -24.61 28.54 -41.87
N ASP B 450 -25.50 27.59 -41.57
CA ASP B 450 -26.06 27.50 -40.23
C ASP B 450 -25.26 26.58 -39.30
N ASN B 451 -24.15 26.00 -39.77
CA ASN B 451 -23.30 25.14 -38.97
C ASN B 451 -21.99 25.84 -38.67
N LYS B 452 -21.19 25.21 -37.81
CA LYS B 452 -19.90 25.77 -37.41
C LYS B 452 -18.79 25.31 -38.37
N SER B 453 -18.02 26.28 -38.87
CA SER B 453 -16.91 26.00 -39.76
C SER B 453 -15.68 25.59 -38.95
N LEU B 454 -15.15 24.40 -39.23
CA LEU B 454 -13.98 23.90 -38.54
C LEU B 454 -12.69 24.09 -39.35
N GLY B 455 -12.79 24.55 -40.59
CA GLY B 455 -11.60 24.71 -41.40
C GLY B 455 -11.86 24.27 -42.82
N GLN B 456 -10.90 24.52 -43.70
CA GLN B 456 -11.06 24.16 -45.10
C GLN B 456 -9.69 24.04 -45.72
N PHE B 457 -9.65 23.30 -46.83
CA PHE B 457 -8.42 23.17 -47.61
C PHE B 457 -8.82 22.80 -49.03
N ASN B 458 -7.89 23.02 -49.94
CA ASN B 458 -8.10 22.71 -51.34
C ASN B 458 -7.31 21.47 -51.70
N LEU B 459 -7.87 20.67 -52.59
CA LEU B 459 -7.18 19.59 -53.27
C LEU B 459 -7.07 20.02 -54.73
N ASP B 460 -5.83 20.21 -55.20
CA ASP B 460 -5.60 20.70 -56.54
C ASP B 460 -5.06 19.56 -57.40
N GLY B 461 -4.74 19.89 -58.64
CA GLY B 461 -4.22 18.91 -59.56
C GLY B 461 -5.26 18.03 -60.22
N ILE B 462 -6.53 18.41 -60.20
CA ILE B 462 -7.54 17.58 -60.85
C ILE B 462 -7.38 17.69 -62.35
N ASN B 463 -7.28 16.54 -63.01
CA ASN B 463 -7.05 16.49 -64.44
C ASN B 463 -8.29 16.94 -65.20
N PRO B 464 -8.12 17.59 -66.37
CA PRO B 464 -9.29 18.05 -67.14
C PRO B 464 -10.30 16.94 -67.38
N ALA B 465 -11.56 17.21 -67.08
CA ALA B 465 -12.63 16.24 -67.27
C ALA B 465 -13.95 16.98 -67.15
N PRO B 466 -15.03 16.40 -67.67
CA PRO B 466 -16.34 17.04 -67.53
C PRO B 466 -16.81 17.00 -66.08
N ARG B 467 -17.72 17.91 -65.76
CA ARG B 467 -18.30 17.97 -64.42
C ARG B 467 -18.88 16.62 -64.07
N GLY B 468 -18.65 16.18 -62.83
CA GLY B 468 -19.18 14.93 -62.36
C GLY B 468 -18.34 13.71 -62.67
N MET B 469 -17.25 13.86 -63.42
CA MET B 469 -16.43 12.71 -63.81
C MET B 469 -15.35 12.41 -62.76
N PRO B 470 -14.60 13.39 -62.29
CA PRO B 470 -13.58 13.10 -61.28
C PRO B 470 -14.16 12.44 -60.04
N GLN B 471 -13.36 11.60 -59.39
CA GLN B 471 -13.78 10.91 -58.17
C GLN B 471 -12.86 11.34 -57.04
N ILE B 472 -13.41 12.13 -56.12
CA ILE B 472 -12.67 12.66 -54.99
C ILE B 472 -13.17 11.96 -53.75
N GLU B 473 -12.35 11.08 -53.18
CA GLU B 473 -12.72 10.38 -51.96
C GLU B 473 -12.38 11.25 -50.76
N VAL B 474 -13.38 11.58 -49.95
CA VAL B 474 -13.20 12.34 -48.73
C VAL B 474 -13.37 11.40 -47.56
N THR B 475 -12.38 11.37 -46.67
CA THR B 475 -12.38 10.50 -45.51
C THR B 475 -12.32 11.35 -44.24
N PHE B 476 -13.26 11.09 -43.32
CA PHE B 476 -13.22 11.62 -41.95
C PHE B 476 -12.82 10.48 -41.03
N ASP B 477 -11.75 10.67 -40.27
CA ASP B 477 -11.29 9.67 -39.31
C ASP B 477 -11.08 10.34 -37.96
N ILE B 478 -11.80 9.85 -36.95
CA ILE B 478 -11.60 10.31 -35.57
C ILE B 478 -10.87 9.22 -34.82
N ASP B 479 -9.66 9.53 -34.32
CA ASP B 479 -8.83 8.51 -33.70
C ASP B 479 -9.20 8.39 -32.22
N ALA B 480 -8.51 7.48 -31.53
CA ALA B 480 -8.82 7.20 -30.14
C ALA B 480 -8.57 8.40 -29.24
N ASP B 481 -7.66 9.29 -29.64
CA ASP B 481 -7.41 10.52 -28.88
C ASP B 481 -8.42 11.60 -29.19
N GLY B 482 -9.43 11.30 -30.02
CA GLY B 482 -10.46 12.27 -30.35
C GLY B 482 -10.09 13.27 -31.40
N ILE B 483 -8.97 13.07 -32.09
CA ILE B 483 -8.50 14.01 -33.09
C ILE B 483 -9.11 13.65 -34.45
N LEU B 484 -9.65 14.66 -35.13
CA LEU B 484 -10.33 14.46 -36.41
C LEU B 484 -9.33 14.67 -37.55
N HIS B 485 -9.15 13.64 -38.38
CA HIS B 485 -8.31 13.71 -39.56
C HIS B 485 -9.20 13.72 -40.80
N VAL B 486 -9.12 14.78 -41.59
CA VAL B 486 -9.89 14.89 -42.84
C VAL B 486 -8.91 14.88 -44.01
N SER B 487 -9.13 13.97 -44.95
CA SER B 487 -8.32 13.83 -46.16
C SER B 487 -9.20 13.79 -47.39
N ALA B 488 -8.64 14.24 -48.51
CA ALA B 488 -9.29 14.17 -49.81
C ALA B 488 -8.28 13.65 -50.80
N LYS B 489 -8.69 12.66 -51.59
CA LYS B 489 -7.80 11.99 -52.52
C LYS B 489 -8.49 11.90 -53.88
N ASP B 490 -7.76 12.30 -54.91
CA ASP B 490 -8.19 12.19 -56.30
C ASP B 490 -7.78 10.81 -56.79
N LYS B 491 -8.77 9.94 -57.02
CA LYS B 491 -8.46 8.54 -57.33
C LYS B 491 -7.75 8.37 -58.66
N ASN B 492 -8.00 9.25 -59.62
CA ASN B 492 -7.41 9.08 -60.94
C ASN B 492 -6.05 9.76 -61.08
N SER B 493 -5.75 10.76 -60.25
CA SER B 493 -4.44 11.40 -60.28
C SER B 493 -3.51 10.95 -59.16
N GLY B 494 -4.03 10.35 -58.09
CA GLY B 494 -3.22 10.01 -56.95
C GLY B 494 -3.00 11.12 -55.94
N LYS B 495 -3.38 12.36 -56.25
CA LYS B 495 -3.12 13.48 -55.35
C LYS B 495 -3.96 13.37 -54.10
N GLU B 496 -3.38 13.80 -52.99
CA GLU B 496 -4.06 13.79 -51.71
C GLU B 496 -3.65 15.01 -50.90
N GLN B 497 -4.61 15.55 -50.14
CA GLN B 497 -4.38 16.60 -49.16
C GLN B 497 -5.16 16.29 -47.89
N LYS B 498 -4.70 16.82 -46.76
CA LYS B 498 -5.35 16.49 -45.49
C LYS B 498 -5.11 17.60 -44.46
N ILE B 499 -5.99 17.62 -43.46
CA ILE B 499 -5.85 18.51 -42.32
C ILE B 499 -6.22 17.76 -41.05
N THR B 500 -5.81 18.33 -39.93
CA THR B 500 -6.07 17.78 -38.61
C THR B 500 -6.80 18.81 -37.77
N ILE B 501 -7.81 18.34 -37.03
CA ILE B 501 -8.64 19.21 -36.20
C ILE B 501 -8.66 18.63 -34.78
N LYS B 502 -8.23 19.43 -33.81
CA LYS B 502 -8.13 18.95 -32.43
C LYS B 502 -9.52 18.71 -31.84
N ALA B 503 -9.55 17.90 -30.79
CA ALA B 503 -10.77 17.63 -30.04
C ALA B 503 -11.26 18.87 -29.30
N SER B 504 -12.57 18.98 -29.13
CA SER B 504 -13.10 20.01 -28.26
C SER B 504 -12.72 19.72 -26.81
N SER B 505 -12.59 20.79 -26.03
CA SER B 505 -12.21 20.64 -24.63
C SER B 505 -13.36 20.12 -23.79
N GLY B 506 -14.59 20.18 -24.31
CA GLY B 506 -15.72 19.70 -23.54
C GLY B 506 -16.92 19.39 -24.41
N LEU B 507 -17.89 18.76 -23.76
CA LEU B 507 -19.16 18.36 -24.35
C LEU B 507 -20.24 19.02 -23.49
N ASN B 508 -20.85 20.08 -24.02
CA ASN B 508 -21.85 20.86 -23.28
C ASN B 508 -23.21 20.32 -23.69
N GLU B 509 -23.74 19.36 -22.90
CA GLU B 509 -24.99 18.71 -23.29
C GLU B 509 -26.16 19.68 -23.33
N ASP B 510 -26.17 20.67 -22.44
CA ASP B 510 -27.22 21.69 -22.47
C ASP B 510 -27.29 22.34 -23.84
N GLU B 511 -26.14 22.79 -24.34
CA GLU B 511 -26.10 23.48 -25.63
C GLU B 511 -26.29 22.52 -26.79
N ILE B 512 -25.73 21.30 -26.69
CA ILE B 512 -25.94 20.32 -27.75
C ILE B 512 -27.43 19.98 -27.92
N GLN B 513 -28.15 19.79 -26.82
CA GLN B 513 -29.57 19.46 -26.95
C GLN B 513 -30.37 20.64 -27.49
N LYS B 514 -29.97 21.87 -27.16
CA LYS B 514 -30.62 23.02 -27.79
C LYS B 514 -30.40 22.98 -29.30
N MET B 515 -29.17 22.69 -29.73
CA MET B 515 -28.89 22.65 -31.17
CA MET B 515 -28.90 22.65 -31.18
C MET B 515 -29.68 21.53 -31.84
N VAL B 516 -29.83 20.39 -31.16
CA VAL B 516 -30.61 19.30 -31.72
C VAL B 516 -32.07 19.73 -31.86
N ARG B 517 -32.64 20.36 -30.82
CA ARG B 517 -34.03 20.80 -30.91
C ARG B 517 -34.19 21.88 -31.98
N ASP B 518 -33.19 22.75 -32.13
N ASP B 518 -33.21 22.78 -32.09
CA ASP B 518 -33.27 23.80 -33.15
CA ASP B 518 -33.26 23.79 -33.15
C ASP B 518 -33.32 23.20 -34.55
C ASP B 518 -33.38 23.14 -34.52
N ALA B 519 -32.55 22.13 -34.80
CA ALA B 519 -32.57 21.49 -36.10
C ALA B 519 -33.91 20.80 -36.35
N GLU B 520 -34.44 20.12 -35.33
CA GLU B 520 -35.75 19.49 -35.46
C GLU B 520 -36.84 20.53 -35.72
N ALA B 521 -36.77 21.68 -35.05
CA ALA B 521 -37.76 22.74 -35.25
C ALA B 521 -37.71 23.31 -36.66
N ASN B 522 -36.55 23.22 -37.32
CA ASN B 522 -36.35 23.76 -38.66
C ASN B 522 -36.22 22.68 -39.72
N ALA B 523 -36.66 21.46 -39.43
CA ALA B 523 -36.45 20.35 -40.36
C ALA B 523 -37.17 20.61 -41.68
N GLU B 524 -38.44 21.03 -41.61
CA GLU B 524 -39.21 21.27 -42.84
C GLU B 524 -38.66 22.45 -43.61
N ALA B 525 -38.23 23.51 -42.92
CA ALA B 525 -37.57 24.61 -43.61
C ALA B 525 -36.28 24.16 -44.27
N ASP B 526 -35.51 23.30 -43.58
CA ASP B 526 -34.27 22.78 -44.15
C ASP B 526 -34.55 21.88 -45.34
N ARG B 527 -35.62 21.09 -45.27
CA ARG B 527 -36.02 20.26 -46.40
C ARG B 527 -36.35 21.12 -47.61
N LYS B 528 -37.13 22.19 -47.40
CA LYS B 528 -37.41 23.11 -48.50
C LYS B 528 -36.11 23.69 -49.06
N PHE B 529 -35.15 23.99 -48.19
CA PHE B 529 -33.86 24.48 -48.67
C PHE B 529 -33.16 23.44 -49.53
N GLU B 530 -33.25 22.16 -49.16
CA GLU B 530 -32.61 21.15 -49.97
C GLU B 530 -33.25 21.05 -51.35
N GLU B 531 -34.54 21.40 -51.44
CA GLU B 531 -35.27 21.24 -52.69
C GLU B 531 -34.89 22.31 -53.72
N LEU B 532 -34.75 23.58 -53.32
CA LEU B 532 -34.43 24.59 -54.33
C LEU B 532 -33.00 24.44 -54.84
N VAL B 533 -32.18 23.62 -54.19
CA VAL B 533 -30.95 23.15 -54.80
C VAL B 533 -31.28 22.14 -55.89
N ARG B 547 -24.03 11.20 -56.93
CA ARG B 547 -22.74 11.70 -56.46
C ARG B 547 -22.75 13.23 -56.30
N LEU B 548 -22.51 13.70 -55.09
CA LEU B 548 -22.59 15.12 -54.79
C LEU B 548 -21.35 15.87 -55.27
N LEU B 549 -21.52 17.17 -55.50
CA LEU B 549 -20.54 17.97 -56.23
C LEU B 549 -19.94 19.06 -55.34
N LEU B 550 -18.68 19.37 -55.64
CA LEU B 550 -17.90 20.34 -54.89
C LEU B 550 -17.41 21.46 -55.80
N THR B 551 -17.49 22.69 -55.30
CA THR B 551 -16.89 23.82 -55.99
C THR B 551 -15.43 23.95 -55.56
N GLY B 552 -14.70 24.85 -56.21
CA GLY B 552 -13.27 24.97 -55.96
C GLY B 552 -12.62 26.21 -56.55
#